data_4WTV
#
_entry.id   4WTV
#
_cell.length_a   106.010
_cell.length_b   106.010
_cell.length_c   214.530
_cell.angle_alpha   90.00
_cell.angle_beta   90.00
_cell.angle_gamma   90.00
#
_symmetry.space_group_name_H-M   'P 41 21 2'
#
loop_
_entity.id
_entity.type
_entity.pdbx_description
1 polymer 'Phosphatidylinositol 4-kinase type 2-beta,Endolysin,Phosphatidylinositol 4-kinase type 2-beta'
2 non-polymer "ADENOSINE-5'-TRIPHOSPHATE"
3 water water
#
_entity_poly.entity_id   1
_entity_poly.type   'polypeptide(L)'
_entity_poly.pdbx_seq_one_letter_code
;VTIGTSEMNAFLDDPEFADIMLRAEQAIEVGIFPERISQGSSGSYFVKDPKRKIIGVFKPKSEEPYGQLNPKWTKYNIFE
MLRIDEGLRLKIYKDTEGYYTIGIGHLLTKSPSLNAAKSELDKAIGRNTNGVITKDEAEKLFNQDVDAAVRGILRNAKLK
PVYDSLDAVRRAALINMVFQMGETGVAGFTNSLRMLQQKRWDEAAVNLAKSRWYNQTPNRAKRVITTFRTGTWDAYKNLG
RGCLIPNQGYLSEAGAYLVDNKLHLSIVPKTKVVWLVSETFNYNAIDRAKSRGKKYALEKVPKVGRKFHRIGLPPKIGSF
QLFVEGYKEAEYWLRKFEADPLPENIRKQFQSQFERLVILDYIIRNTDRGNDNWLVRYEKQKCEKEIDHKESKWIDDEEF
LIKIAAIDNGLAFPFKHPDEWRAYPFHWAWLPQAKVPFSEEIRNLILPYISDMNFVQDLCEDLYELFKTDKGFDKATFES
QMSVMRGQILNLTQALRDGKSPFQLVQIPCVIVE
;
_entity_poly.pdbx_strand_id   A,B
#
# COMPACT_ATOMS: atom_id res chain seq x y z
N ASN A 9 -10.24 -10.88 -35.56
CA ASN A 9 -9.35 -9.79 -35.12
C ASN A 9 -9.13 -8.73 -36.19
N ALA A 10 -10.22 -8.26 -36.79
CA ALA A 10 -10.13 -7.14 -37.70
C ALA A 10 -10.22 -5.85 -36.90
N PHE A 11 -9.19 -5.03 -37.06
CA PHE A 11 -9.12 -3.72 -36.42
C PHE A 11 -8.95 -2.67 -37.52
N LEU A 12 -9.97 -2.55 -38.34
CA LEU A 12 -9.96 -1.65 -39.49
C LEU A 12 -9.57 -0.24 -39.08
N ASP A 13 -10.01 0.20 -37.90
CA ASP A 13 -9.76 1.57 -37.51
C ASP A 13 -8.42 1.75 -36.78
N ASP A 14 -7.71 0.67 -36.50
CA ASP A 14 -6.44 0.79 -35.79
C ASP A 14 -5.38 -0.18 -36.36
N PRO A 15 -4.77 0.20 -37.50
CA PRO A 15 -3.76 -0.65 -38.14
C PRO A 15 -2.53 -0.88 -37.25
N GLU A 16 -2.15 0.08 -36.41
CA GLU A 16 -1.02 -0.15 -35.51
C GLU A 16 -1.31 -1.35 -34.58
N PHE A 17 -2.52 -1.41 -34.05
CA PHE A 17 -2.89 -2.52 -33.17
C PHE A 17 -3.04 -3.83 -33.96
N ALA A 18 -3.61 -3.75 -35.15
CA ALA A 18 -3.73 -4.92 -36.03
C ALA A 18 -2.37 -5.57 -36.27
N ASP A 19 -1.36 -4.76 -36.52
CA ASP A 19 -0.03 -5.27 -36.82
C ASP A 19 0.60 -5.89 -35.57
N ILE A 20 0.26 -5.38 -34.38
CA ILE A 20 0.73 -6.01 -33.16
C ILE A 20 0.08 -7.38 -33.00
N MET A 21 -1.23 -7.47 -33.25
CA MET A 21 -1.93 -8.75 -33.21
C MET A 21 -1.39 -9.73 -34.27
N LEU A 22 -0.92 -9.21 -35.40
CA LEU A 22 -0.34 -10.06 -36.44
C LEU A 22 0.99 -10.65 -35.97
N ARG A 23 1.80 -9.85 -35.29
CA ARG A 23 3.05 -10.35 -34.74
C ARG A 23 2.77 -11.42 -33.70
N ALA A 24 1.71 -11.22 -32.91
CA ALA A 24 1.33 -12.20 -31.91
C ALA A 24 0.99 -13.55 -32.55
N GLU A 25 0.17 -13.52 -33.59
CA GLU A 25 -0.24 -14.73 -34.28
C GLU A 25 0.95 -15.43 -34.94
N GLN A 26 1.84 -14.65 -35.54
CA GLN A 26 3.04 -15.20 -36.19
C GLN A 26 3.97 -15.89 -35.20
N ALA A 27 4.04 -15.38 -33.98
CA ALA A 27 4.85 -15.99 -32.93
C ALA A 27 4.23 -17.31 -32.50
N ILE A 28 2.89 -17.35 -32.43
CA ILE A 28 2.20 -18.57 -32.04
C ILE A 28 2.34 -19.64 -33.12
N GLU A 29 2.29 -19.22 -34.38
CA GLU A 29 2.42 -20.13 -35.51
C GLU A 29 3.77 -20.85 -35.48
N VAL A 30 4.81 -20.15 -35.03
CA VAL A 30 6.14 -20.75 -34.92
C VAL A 30 6.42 -21.24 -33.49
N GLY A 31 5.37 -21.59 -32.76
CA GLY A 31 5.53 -22.24 -31.46
C GLY A 31 5.71 -21.36 -30.23
N ILE A 32 6.07 -20.09 -30.44
CA ILE A 32 6.26 -19.17 -29.33
C ILE A 32 4.90 -18.79 -28.72
N PHE A 33 4.55 -19.47 -27.62
CA PHE A 33 3.22 -19.31 -27.01
C PHE A 33 3.20 -18.29 -25.87
N PRO A 34 2.01 -17.74 -25.56
CA PRO A 34 1.79 -16.92 -24.37
C PRO A 34 2.09 -17.71 -23.09
N GLU A 35 2.78 -17.10 -22.13
CA GLU A 35 3.05 -17.77 -20.87
C GLU A 35 2.23 -17.13 -19.74
N ARG A 36 1.66 -17.96 -18.87
CA ARG A 36 1.02 -17.49 -17.65
C ARG A 36 1.93 -16.51 -16.92
N ILE A 37 1.35 -15.41 -16.43
CA ILE A 37 2.16 -14.41 -15.74
C ILE A 37 2.62 -14.93 -14.38
N SER A 38 1.69 -15.53 -13.64
CA SER A 38 2.01 -16.21 -12.40
C SER A 38 1.42 -17.63 -12.47
N GLN A 39 2.27 -18.61 -12.19
CA GLN A 39 1.97 -20.02 -12.46
C GLN A 39 0.73 -20.58 -11.76
N GLY A 40 0.27 -19.90 -10.71
CA GLY A 40 -0.82 -20.40 -9.89
C GLY A 40 -2.20 -20.21 -10.50
N SER A 41 -2.89 -19.15 -10.08
CA SER A 41 -4.20 -18.82 -10.62
C SER A 41 -4.04 -18.06 -11.94
N SER A 42 -3.54 -18.76 -12.96
CA SER A 42 -3.27 -18.12 -14.24
C SER A 42 -4.54 -17.82 -15.04
N GLY A 43 -4.85 -16.54 -15.13
CA GLY A 43 -5.90 -16.05 -16.01
C GLY A 43 -5.34 -14.89 -16.83
N SER A 44 -4.02 -14.76 -16.80
CA SER A 44 -3.31 -13.67 -17.47
C SER A 44 -2.03 -14.20 -18.12
N TYR A 45 -1.77 -13.75 -19.34
CA TYR A 45 -0.61 -14.22 -20.11
C TYR A 45 0.19 -13.06 -20.70
N PHE A 46 1.51 -13.16 -20.67
CA PHE A 46 2.38 -12.31 -21.45
C PHE A 46 2.46 -12.87 -22.88
N VAL A 47 1.91 -12.13 -23.84
CA VAL A 47 2.02 -12.52 -25.25
C VAL A 47 3.33 -11.99 -25.85
N LYS A 48 4.02 -12.85 -26.60
CA LYS A 48 5.30 -12.48 -27.20
C LYS A 48 5.17 -12.40 -28.72
N ASP A 49 6.08 -11.66 -29.34
CA ASP A 49 6.17 -11.61 -30.80
C ASP A 49 7.21 -12.65 -31.26
N PRO A 50 7.47 -12.73 -32.58
CA PRO A 50 8.46 -13.69 -33.10
C PRO A 50 9.85 -13.60 -32.47
N LYS A 51 10.30 -12.41 -32.10
CA LYS A 51 11.60 -12.27 -31.44
C LYS A 51 11.52 -12.57 -29.94
N ARG A 52 10.43 -13.22 -29.53
CA ARG A 52 10.20 -13.57 -28.12
C ARG A 52 10.13 -12.34 -27.18
N LYS A 53 9.79 -11.18 -27.74
CA LYS A 53 9.61 -9.96 -26.94
C LYS A 53 8.15 -9.84 -26.49
N ILE A 54 7.96 -9.49 -25.22
CA ILE A 54 6.59 -9.34 -24.70
C ILE A 54 5.95 -8.09 -25.29
N ILE A 55 4.81 -8.28 -25.92
CA ILE A 55 4.12 -7.17 -26.57
C ILE A 55 2.75 -6.91 -25.95
N GLY A 56 2.21 -7.86 -25.21
CA GLY A 56 0.90 -7.64 -24.63
C GLY A 56 0.56 -8.54 -23.46
N VAL A 57 -0.48 -8.13 -22.71
CA VAL A 57 -1.06 -8.92 -21.63
C VAL A 57 -2.45 -9.34 -22.07
N PHE A 58 -2.66 -10.65 -22.15
CA PHE A 58 -3.94 -11.20 -22.62
C PHE A 58 -4.71 -11.87 -21.50
N LYS A 59 -5.98 -11.52 -21.35
CA LYS A 59 -6.81 -12.06 -20.28
C LYS A 59 -8.09 -12.66 -20.84
N PRO A 60 -8.11 -14.01 -20.96
CA PRO A 60 -9.26 -14.70 -21.54
C PRO A 60 -10.52 -14.55 -20.74
N LYS A 61 -11.65 -14.38 -21.41
CA LYS A 61 -12.94 -14.39 -20.74
C LYS A 61 -13.16 -15.72 -20.03
N TRP A 73 -36.12 -20.06 -5.81
CA TRP A 73 -36.32 -21.33 -5.12
C TRP A 73 -35.82 -21.32 -3.68
N THR A 74 -35.06 -20.29 -3.29
CA THR A 74 -34.61 -20.19 -1.91
C THR A 74 -35.82 -19.94 -1.02
N LYS A 75 -35.87 -20.60 0.13
CA LYS A 75 -37.01 -20.46 1.00
C LYS A 75 -36.63 -19.52 2.13
N TYR A 76 -37.39 -18.45 2.33
CA TYR A 76 -37.05 -17.54 3.42
C TYR A 76 -37.97 -17.75 4.62
N ASN A 77 -37.35 -17.86 5.78
CA ASN A 77 -38.03 -18.08 7.04
C ASN A 77 -37.03 -17.85 8.17
N ILE A 78 -37.46 -18.04 9.41
CA ILE A 78 -36.57 -17.73 10.55
C ILE A 78 -35.30 -18.56 10.49
N PHE A 79 -35.40 -19.81 10.02
CA PHE A 79 -34.23 -20.69 9.93
C PHE A 79 -33.17 -20.15 8.96
N GLU A 80 -33.58 -19.83 7.74
CA GLU A 80 -32.66 -19.29 6.73
C GLU A 80 -32.10 -17.94 7.17
N MET A 81 -32.98 -17.14 7.76
CA MET A 81 -32.61 -15.82 8.29
C MET A 81 -31.48 -15.93 9.29
N LEU A 82 -31.63 -16.82 10.26
CA LEU A 82 -30.61 -16.96 11.31
C LEU A 82 -29.36 -17.66 10.75
N ARG A 83 -29.53 -18.61 9.82
CA ARG A 83 -28.36 -19.19 9.15
C ARG A 83 -27.48 -18.12 8.55
N ILE A 84 -28.11 -17.14 7.91
CA ILE A 84 -27.37 -16.05 7.29
C ILE A 84 -26.70 -15.18 8.36
N ASP A 85 -27.44 -14.84 9.42
CA ASP A 85 -26.88 -13.99 10.48
C ASP A 85 -25.86 -14.70 11.37
N GLU A 86 -26.01 -16.01 11.58
CA GLU A 86 -25.12 -16.71 12.54
C GLU A 86 -24.02 -17.56 11.90
N GLY A 87 -24.11 -17.83 10.60
CA GLY A 87 -23.15 -18.70 9.93
C GLY A 87 -23.22 -20.13 10.45
N LEU A 88 -22.25 -20.96 10.04
CA LEU A 88 -22.20 -22.36 10.45
C LEU A 88 -20.76 -22.82 10.66
N ARG A 89 -20.39 -23.06 11.91
CA ARG A 89 -19.08 -23.61 12.24
C ARG A 89 -19.26 -25.01 12.82
N LEU A 90 -18.39 -25.95 12.45
CA LEU A 90 -18.48 -27.32 12.95
C LEU A 90 -17.52 -27.56 14.10
N LYS A 91 -16.69 -26.57 14.38
CA LYS A 91 -15.75 -26.67 15.50
C LYS A 91 -15.94 -25.47 16.42
N ILE A 92 -15.66 -25.66 17.71
CA ILE A 92 -15.79 -24.57 18.67
C ILE A 92 -14.97 -23.36 18.24
N TYR A 93 -15.60 -22.19 18.33
CA TYR A 93 -14.94 -20.93 18.01
C TYR A 93 -15.31 -19.88 19.04
N LYS A 94 -14.69 -18.70 18.96
CA LYS A 94 -15.04 -17.59 19.83
C LYS A 94 -15.96 -16.62 19.08
N ASP A 95 -16.86 -15.93 19.78
CA ASP A 95 -17.85 -15.09 19.12
C ASP A 95 -17.51 -13.60 19.19
N THR A 96 -18.54 -12.78 19.00
CA THR A 96 -18.44 -11.32 19.07
C THR A 96 -17.74 -10.89 20.34
N GLU A 97 -18.37 -11.15 21.48
CA GLU A 97 -17.76 -10.88 22.79
C GLU A 97 -16.48 -11.68 22.97
N GLY A 98 -16.53 -12.96 22.63
CA GLY A 98 -15.38 -13.84 22.77
C GLY A 98 -15.71 -15.19 23.39
N TYR A 99 -16.96 -15.35 23.81
CA TYR A 99 -17.40 -16.59 24.46
C TYR A 99 -17.35 -17.77 23.49
N TYR A 100 -17.29 -18.98 24.06
CA TYR A 100 -17.17 -20.19 23.24
C TYR A 100 -18.52 -20.57 22.62
N THR A 101 -18.47 -20.87 21.33
CA THR A 101 -19.67 -21.05 20.53
C THR A 101 -19.44 -22.10 19.46
N ILE A 102 -20.50 -22.76 19.02
CA ILE A 102 -20.39 -23.74 17.93
C ILE A 102 -21.67 -23.79 17.11
N GLY A 103 -21.60 -24.42 15.95
CA GLY A 103 -22.78 -24.65 15.13
C GLY A 103 -23.33 -23.35 14.58
N ILE A 104 -24.65 -23.17 14.70
CA ILE A 104 -25.31 -21.97 14.20
C ILE A 104 -25.65 -21.07 15.40
N GLY A 105 -24.63 -20.36 15.88
CA GLY A 105 -24.80 -19.39 16.96
C GLY A 105 -25.17 -19.96 18.31
N HIS A 106 -24.81 -21.22 18.56
CA HIS A 106 -25.12 -21.84 19.85
C HIS A 106 -24.04 -21.53 20.89
N LEU A 107 -24.41 -20.73 21.89
CA LEU A 107 -23.49 -20.38 22.96
C LEU A 107 -23.31 -21.53 23.93
N LEU A 108 -22.05 -21.90 24.18
CA LEU A 108 -21.74 -23.07 25.00
C LEU A 108 -21.60 -22.71 26.48
N THR A 109 -20.91 -21.60 26.75
CA THR A 109 -20.67 -21.15 28.11
C THR A 109 -19.96 -19.80 28.09
N LYS A 110 -20.12 -19.05 29.18
CA LYS A 110 -19.41 -17.78 29.32
C LYS A 110 -17.96 -18.01 29.73
N SER A 111 -17.67 -19.21 30.24
CA SER A 111 -16.35 -19.52 30.80
C SER A 111 -15.23 -19.50 29.76
N PRO A 112 -14.07 -18.97 30.17
CA PRO A 112 -12.82 -18.98 29.37
C PRO A 112 -12.27 -20.39 29.19
N SER A 113 -12.70 -21.31 30.05
CA SER A 113 -12.25 -22.70 29.98
C SER A 113 -12.75 -23.40 28.72
N LEU A 114 -11.85 -23.66 27.79
CA LEU A 114 -12.17 -24.44 26.60
C LEU A 114 -12.67 -25.83 26.98
N ASN A 115 -12.17 -26.37 28.08
CA ASN A 115 -12.62 -27.67 28.56
C ASN A 115 -14.05 -27.61 29.08
N ALA A 116 -14.40 -26.48 29.68
CA ALA A 116 -15.77 -26.24 30.14
C ALA A 116 -16.72 -26.23 28.95
N ALA A 117 -16.29 -25.62 27.85
CA ALA A 117 -17.09 -25.55 26.65
C ALA A 117 -17.28 -26.94 26.05
N LYS A 118 -16.20 -27.70 25.97
CA LYS A 118 -16.29 -29.06 25.44
C LYS A 118 -17.22 -29.92 26.30
N SER A 119 -17.25 -29.64 27.60
CA SER A 119 -18.14 -30.31 28.53
C SER A 119 -19.62 -29.99 28.27
N GLU A 120 -19.92 -28.71 28.11
CA GLU A 120 -21.29 -28.30 27.79
C GLU A 120 -21.71 -28.88 26.44
N LEU A 121 -20.80 -28.86 25.47
CA LEU A 121 -21.09 -29.42 24.15
C LEU A 121 -21.45 -30.90 24.24
N ASP A 122 -20.67 -31.67 24.99
CA ASP A 122 -20.88 -33.10 25.09
C ASP A 122 -22.24 -33.43 25.71
N LYS A 123 -22.70 -32.60 26.64
CA LYS A 123 -24.05 -32.78 27.19
C LYS A 123 -25.13 -32.54 26.12
N ALA A 124 -25.02 -31.42 25.41
CA ALA A 124 -26.00 -31.05 24.39
C ALA A 124 -26.13 -32.05 23.24
N ILE A 125 -25.01 -32.68 22.88
CA ILE A 125 -24.97 -33.57 21.72
C ILE A 125 -25.24 -35.03 22.09
N GLY A 126 -24.80 -35.42 23.28
CA GLY A 126 -25.03 -36.78 23.76
C GLY A 126 -23.93 -37.76 23.38
N ARG A 127 -22.71 -37.24 23.27
CA ARG A 127 -21.54 -38.05 22.99
C ARG A 127 -20.30 -37.18 23.18
N ASN A 128 -19.13 -37.81 23.16
CA ASN A 128 -17.89 -37.06 23.33
C ASN A 128 -17.40 -36.50 22.01
N THR A 129 -17.54 -35.19 21.84
CA THR A 129 -17.28 -34.52 20.56
C THR A 129 -15.86 -34.01 20.48
N ASN A 130 -15.29 -33.70 21.64
CA ASN A 130 -14.00 -33.03 21.72
C ASN A 130 -14.02 -31.69 20.99
N GLY A 131 -15.20 -31.08 20.92
CA GLY A 131 -15.35 -29.77 20.31
C GLY A 131 -15.55 -29.83 18.80
N VAL A 132 -16.07 -30.95 18.30
CA VAL A 132 -16.37 -31.07 16.88
C VAL A 132 -17.67 -31.84 16.66
N ILE A 133 -18.58 -31.23 15.90
CA ILE A 133 -19.85 -31.88 15.61
C ILE A 133 -20.07 -31.94 14.10
N THR A 134 -21.11 -32.67 13.68
CA THR A 134 -21.45 -32.75 12.27
C THR A 134 -22.54 -31.73 11.89
N LYS A 135 -22.80 -31.58 10.60
CA LYS A 135 -23.83 -30.66 10.13
C LYS A 135 -25.20 -31.01 10.71
N ASP A 136 -25.54 -32.30 10.71
CA ASP A 136 -26.84 -32.71 11.20
C ASP A 136 -26.98 -32.45 12.69
N GLU A 137 -25.88 -32.55 13.43
CA GLU A 137 -25.89 -32.23 14.86
C GLU A 137 -25.98 -30.72 15.09
N ALA A 138 -25.32 -29.97 14.22
CA ALA A 138 -25.44 -28.52 14.23
C ALA A 138 -26.89 -28.10 13.96
N GLU A 139 -27.52 -28.73 12.96
CA GLU A 139 -28.89 -28.39 12.61
C GLU A 139 -29.86 -28.79 13.71
N LYS A 140 -29.59 -29.91 14.38
CA LYS A 140 -30.45 -30.33 15.48
C LYS A 140 -30.39 -29.31 16.62
N LEU A 141 -29.20 -28.85 16.98
CA LEU A 141 -29.09 -27.87 18.05
C LEU A 141 -29.77 -26.57 17.63
N PHE A 142 -29.62 -26.21 16.35
CA PHE A 142 -30.25 -25.02 15.78
C PHE A 142 -31.77 -25.03 15.98
N ASN A 143 -32.40 -26.14 15.62
CA ASN A 143 -33.85 -26.30 15.77
C ASN A 143 -34.29 -26.12 17.22
N GLN A 144 -33.53 -26.72 18.13
CA GLN A 144 -33.82 -26.65 19.55
C GLN A 144 -33.73 -25.21 20.03
N ASP A 145 -32.70 -24.49 19.57
CA ASP A 145 -32.50 -23.09 19.95
C ASP A 145 -33.61 -22.17 19.43
N VAL A 146 -34.03 -22.37 18.19
CA VAL A 146 -35.12 -21.57 17.68
C VAL A 146 -36.38 -21.83 18.50
N ASP A 147 -36.62 -23.09 18.84
CA ASP A 147 -37.77 -23.45 19.67
C ASP A 147 -37.66 -22.81 21.06
N ALA A 148 -36.48 -22.87 21.65
CA ALA A 148 -36.24 -22.21 22.94
C ALA A 148 -36.56 -20.72 22.86
N ALA A 149 -36.19 -20.10 21.75
CA ALA A 149 -36.46 -18.68 21.57
C ALA A 149 -37.96 -18.40 21.51
N VAL A 150 -38.68 -19.23 20.75
CA VAL A 150 -40.13 -19.06 20.65
C VAL A 150 -40.79 -19.29 22.02
N ARG A 151 -40.26 -20.23 22.80
CA ARG A 151 -40.74 -20.46 24.17
C ARG A 151 -40.50 -19.24 25.05
N GLY A 152 -39.32 -18.63 24.91
CA GLY A 152 -38.98 -17.45 25.67
C GLY A 152 -39.97 -16.35 25.36
N ILE A 153 -40.28 -16.21 24.08
CA ILE A 153 -41.25 -15.22 23.64
C ILE A 153 -42.64 -15.46 24.25
N LEU A 154 -43.13 -16.69 24.16
CA LEU A 154 -44.53 -16.94 24.50
C LEU A 154 -44.74 -16.93 26.02
N ARG A 155 -43.70 -17.25 26.78
CA ARG A 155 -43.77 -17.23 28.24
C ARG A 155 -43.55 -15.83 28.83
N ASN A 156 -43.24 -14.84 27.98
CA ASN A 156 -42.91 -13.50 28.49
C ASN A 156 -44.01 -12.49 28.28
N ALA A 157 -44.37 -11.79 29.35
CA ALA A 157 -45.54 -10.91 29.38
C ALA A 157 -45.45 -9.72 28.43
N LYS A 158 -44.24 -9.27 28.13
CA LYS A 158 -44.08 -8.09 27.27
C LYS A 158 -43.92 -8.52 25.82
N LEU A 159 -43.35 -9.70 25.62
CA LEU A 159 -43.10 -10.20 24.28
C LEU A 159 -44.33 -10.86 23.61
N LYS A 160 -45.03 -11.75 24.32
CA LYS A 160 -46.14 -12.51 23.72
C LYS A 160 -47.17 -11.63 23.00
N PRO A 161 -47.68 -10.58 23.67
CA PRO A 161 -48.65 -9.69 23.04
C PRO A 161 -48.12 -9.11 21.72
N VAL A 162 -46.84 -8.76 21.71
CA VAL A 162 -46.21 -8.26 20.50
C VAL A 162 -46.15 -9.35 19.43
N TYR A 163 -45.61 -10.49 19.83
CA TYR A 163 -45.47 -11.63 18.92
C TYR A 163 -46.81 -11.97 18.29
N ASP A 164 -47.83 -12.18 19.15
CA ASP A 164 -49.17 -12.51 18.70
C ASP A 164 -49.75 -11.52 17.69
N SER A 165 -49.37 -10.24 17.81
CA SER A 165 -49.95 -9.18 16.98
C SER A 165 -49.26 -9.02 15.64
N LEU A 166 -48.12 -9.68 15.48
CA LEU A 166 -47.28 -9.52 14.29
C LEU A 166 -47.59 -10.52 13.19
N ASP A 167 -47.39 -10.10 11.93
CA ASP A 167 -47.35 -11.01 10.78
C ASP A 167 -46.13 -11.92 10.88
N ALA A 168 -46.07 -12.96 10.03
CA ALA A 168 -45.04 -14.00 10.16
C ALA A 168 -43.61 -13.51 9.93
N VAL A 169 -43.42 -12.65 8.95
CA VAL A 169 -42.08 -12.16 8.65
C VAL A 169 -41.58 -11.27 9.81
N ARG A 170 -42.44 -10.41 10.35
CA ARG A 170 -42.01 -9.60 11.49
C ARG A 170 -41.83 -10.47 12.74
N ARG A 171 -42.64 -11.52 12.85
CA ARG A 171 -42.46 -12.47 13.94
C ARG A 171 -41.07 -13.09 13.89
N ALA A 172 -40.57 -13.35 12.69
CA ALA A 172 -39.22 -13.88 12.52
C ALA A 172 -38.17 -12.89 13.02
N ALA A 173 -38.34 -11.61 12.70
CA ALA A 173 -37.41 -10.59 13.21
C ALA A 173 -37.34 -10.64 14.73
N LEU A 174 -38.50 -10.81 15.38
CA LEU A 174 -38.53 -10.81 16.84
C LEU A 174 -37.87 -12.09 17.39
N ILE A 175 -38.12 -13.24 16.76
CA ILE A 175 -37.44 -14.47 17.15
C ILE A 175 -35.93 -14.29 17.03
N ASN A 176 -35.52 -13.63 15.95
CA ASN A 176 -34.10 -13.38 15.66
C ASN A 176 -33.43 -12.62 16.83
N MET A 177 -34.07 -11.53 17.25
CA MET A 177 -33.55 -10.77 18.39
C MET A 177 -33.45 -11.61 19.65
N VAL A 178 -34.49 -12.39 19.94
CA VAL A 178 -34.49 -13.22 21.14
C VAL A 178 -33.41 -14.28 21.06
N PHE A 179 -33.23 -14.85 19.87
CA PHE A 179 -32.18 -15.85 19.64
C PHE A 179 -30.80 -15.26 19.95
N GLN A 180 -30.59 -14.03 19.53
CA GLN A 180 -29.29 -13.37 19.66
C GLN A 180 -29.06 -12.91 21.10
N MET A 181 -30.02 -12.17 21.65
CA MET A 181 -29.87 -11.44 22.92
C MET A 181 -30.48 -12.14 24.14
N GLY A 182 -31.43 -13.02 23.93
CA GLY A 182 -32.08 -13.68 25.05
C GLY A 182 -33.35 -12.95 25.41
N GLU A 183 -34.26 -13.66 26.08
CA GLU A 183 -35.60 -13.15 26.36
C GLU A 183 -35.62 -11.86 27.19
N THR A 184 -34.82 -11.83 28.25
CA THR A 184 -34.74 -10.64 29.11
C THR A 184 -34.26 -9.42 28.32
N GLY A 185 -33.16 -9.61 27.60
CA GLY A 185 -32.61 -8.56 26.75
C GLY A 185 -33.65 -7.92 25.85
N VAL A 186 -34.41 -8.74 25.11
CA VAL A 186 -35.34 -8.16 24.17
C VAL A 186 -36.51 -7.50 24.91
N ALA A 187 -36.87 -8.07 26.05
CA ALA A 187 -37.99 -7.56 26.83
C ALA A 187 -37.70 -6.14 27.34
N GLY A 188 -36.42 -5.81 27.43
CA GLY A 188 -36.01 -4.46 27.82
C GLY A 188 -36.38 -3.35 26.85
N PHE A 189 -36.63 -3.69 25.58
CA PHE A 189 -37.00 -2.67 24.60
C PHE A 189 -38.47 -2.28 24.76
N THR A 190 -38.81 -1.86 25.97
CA THR A 190 -40.17 -1.53 26.36
C THR A 190 -40.96 -0.71 25.35
N ASN A 191 -40.41 0.45 24.96
CA ASN A 191 -41.14 1.33 24.06
C ASN A 191 -41.12 0.83 22.61
N SER A 192 -39.99 0.22 22.22
CA SER A 192 -39.89 -0.37 20.90
C SER A 192 -40.95 -1.47 20.74
N LEU A 193 -41.07 -2.33 21.75
CA LEU A 193 -42.06 -3.41 21.75
C LEU A 193 -43.48 -2.88 21.63
N ARG A 194 -43.81 -1.84 22.41
CA ARG A 194 -45.14 -1.24 22.28
C ARG A 194 -45.34 -0.63 20.91
N MET A 195 -44.30 -0.01 20.36
CA MET A 195 -44.43 0.58 19.02
C MET A 195 -44.74 -0.47 17.94
N LEU A 196 -44.07 -1.60 18.03
CA LEU A 196 -44.33 -2.69 17.09
C LEU A 196 -45.80 -3.12 17.20
N GLN A 197 -46.27 -3.26 18.44
CA GLN A 197 -47.62 -3.78 18.67
C GLN A 197 -48.66 -2.82 18.12
N GLN A 198 -48.35 -1.52 18.12
CA GLN A 198 -49.22 -0.50 17.52
C GLN A 198 -48.94 -0.32 16.03
N LYS A 199 -48.06 -1.15 15.49
CA LYS A 199 -47.72 -1.12 14.08
C LYS A 199 -47.08 0.22 13.67
N ARG A 200 -46.38 0.86 14.60
CA ARG A 200 -45.64 2.07 14.26
C ARG A 200 -44.25 1.70 13.76
N TRP A 201 -44.19 1.17 12.55
CA TRP A 201 -42.97 0.51 12.04
C TRP A 201 -41.81 1.48 11.94
N ASP A 202 -42.05 2.66 11.39
CA ASP A 202 -40.98 3.62 11.19
C ASP A 202 -40.39 4.10 12.50
N GLU A 203 -41.25 4.37 13.49
CA GLU A 203 -40.81 4.82 14.80
C GLU A 203 -40.04 3.74 15.53
N ALA A 204 -40.55 2.52 15.44
CA ALA A 204 -39.89 1.39 16.08
C ALA A 204 -38.48 1.21 15.52
N ALA A 205 -38.38 1.28 14.19
CA ALA A 205 -37.11 1.10 13.49
C ALA A 205 -36.08 2.14 13.95
N VAL A 206 -36.50 3.40 13.97
CA VAL A 206 -35.66 4.47 14.47
C VAL A 206 -35.24 4.25 15.91
N ASN A 207 -36.19 3.91 16.78
CA ASN A 207 -35.86 3.69 18.18
C ASN A 207 -34.88 2.55 18.34
N LEU A 208 -35.09 1.48 17.57
CA LEU A 208 -34.29 0.28 17.74
C LEU A 208 -32.80 0.48 17.39
N ALA A 209 -32.52 1.40 16.48
CA ALA A 209 -31.14 1.63 16.07
C ALA A 209 -30.34 2.34 17.18
N LYS A 210 -31.04 2.98 18.12
CA LYS A 210 -30.37 3.67 19.22
C LYS A 210 -30.08 2.76 20.42
N SER A 211 -29.31 1.72 20.19
CA SER A 211 -29.13 0.68 21.19
C SER A 211 -27.73 0.13 21.15
N ARG A 212 -27.26 -0.35 22.28
CA ARG A 212 -26.02 -1.09 22.38
C ARG A 212 -26.02 -2.25 21.36
N TRP A 213 -27.15 -2.93 21.26
CA TRP A 213 -27.35 -4.01 20.29
C TRP A 213 -26.88 -3.61 18.91
N TYR A 214 -27.45 -2.52 18.40
CA TYR A 214 -27.12 -2.03 17.07
C TYR A 214 -25.64 -1.69 16.96
N ASN A 215 -25.13 -0.89 17.91
CA ASN A 215 -23.73 -0.48 17.84
C ASN A 215 -22.75 -1.66 17.87
N GLN A 216 -23.08 -2.72 18.61
CA GLN A 216 -22.22 -3.89 18.68
C GLN A 216 -22.23 -4.73 17.40
N THR A 217 -23.42 -4.93 16.83
CA THR A 217 -23.54 -5.73 15.60
C THR A 217 -24.40 -5.01 14.59
N PRO A 218 -23.86 -3.93 14.01
CA PRO A 218 -24.69 -2.99 13.24
C PRO A 218 -25.22 -3.55 11.92
N ASN A 219 -24.47 -4.45 11.27
CA ASN A 219 -24.93 -4.97 9.99
C ASN A 219 -26.10 -5.94 10.17
N ARG A 220 -26.00 -6.80 11.18
CA ARG A 220 -27.09 -7.70 11.51
C ARG A 220 -28.31 -6.94 12.03
N ALA A 221 -28.08 -6.03 12.98
CA ALA A 221 -29.16 -5.22 13.51
C ALA A 221 -29.88 -4.51 12.37
N LYS A 222 -29.13 -3.98 11.41
CA LYS A 222 -29.74 -3.27 10.30
C LYS A 222 -30.66 -4.20 9.49
N ARG A 223 -30.24 -5.44 9.27
CA ARG A 223 -31.08 -6.39 8.52
C ARG A 223 -32.37 -6.69 9.31
N VAL A 224 -32.22 -6.92 10.60
CA VAL A 224 -33.35 -7.25 11.46
C VAL A 224 -34.34 -6.08 11.51
N ILE A 225 -33.82 -4.88 11.71
CA ILE A 225 -34.67 -3.70 11.75
C ILE A 225 -35.37 -3.41 10.41
N THR A 226 -34.68 -3.64 9.30
CA THR A 226 -35.33 -3.48 8.01
C THR A 226 -36.50 -4.45 7.86
N THR A 227 -36.35 -5.64 8.45
CA THR A 227 -37.38 -6.67 8.43
C THR A 227 -38.58 -6.25 9.32
N PHE A 228 -38.32 -5.80 10.54
CA PHE A 228 -39.36 -5.16 11.37
C PHE A 228 -40.05 -4.01 10.63
N ARG A 229 -39.28 -3.22 9.88
CA ARG A 229 -39.81 -2.01 9.27
C ARG A 229 -40.66 -2.27 8.02
N THR A 230 -40.35 -3.33 7.28
CA THR A 230 -41.05 -3.57 6.02
C THR A 230 -41.92 -4.84 6.00
N GLY A 231 -41.66 -5.77 6.91
CA GLY A 231 -42.37 -7.03 6.91
C GLY A 231 -42.04 -7.85 5.67
N THR A 232 -40.88 -7.57 5.07
CA THR A 232 -40.38 -8.31 3.92
C THR A 232 -39.01 -8.91 4.20
N TRP A 233 -38.54 -9.75 3.28
CA TRP A 233 -37.23 -10.41 3.42
C TRP A 233 -36.14 -9.63 2.68
N ASP A 234 -36.44 -8.39 2.31
CA ASP A 234 -35.57 -7.67 1.40
C ASP A 234 -34.13 -7.49 1.87
N ALA A 235 -33.91 -7.32 3.17
CA ALA A 235 -32.55 -7.21 3.69
C ALA A 235 -31.74 -8.53 3.59
N TYR A 236 -32.42 -9.62 3.23
CA TYR A 236 -31.77 -10.95 3.19
C TYR A 236 -31.66 -11.51 1.77
N LYS A 237 -32.31 -10.87 0.81
CA LYS A 237 -32.47 -11.45 -0.52
C LYS A 237 -31.26 -11.39 -1.46
N ASN A 238 -30.44 -10.35 -1.38
CA ASN A 238 -29.44 -10.19 -2.45
C ASN A 238 -27.99 -10.26 -1.99
N LEU A 239 -27.77 -10.77 -0.79
CA LEU A 239 -26.46 -10.72 -0.16
C LEU A 239 -25.38 -11.37 -1.01
N GLY A 240 -24.19 -10.78 -1.01
CA GLY A 240 -23.07 -11.31 -1.77
C GLY A 240 -23.24 -11.39 -3.29
N ARG A 241 -24.23 -10.68 -3.83
CA ARG A 241 -24.39 -10.59 -5.28
C ARG A 241 -23.34 -9.66 -5.88
N GLY A 242 -22.74 -8.80 -5.06
CA GLY A 242 -21.69 -7.90 -5.51
C GLY A 242 -22.24 -6.75 -6.33
N CYS A 243 -21.37 -5.94 -6.91
CA CYS A 243 -21.85 -4.83 -7.72
C CYS A 243 -21.37 -4.89 -9.18
N LEU A 244 -20.69 -5.98 -9.55
CA LEU A 244 -20.20 -6.17 -10.92
C LEU A 244 -20.94 -7.28 -11.67
N ILE A 245 -21.25 -7.03 -12.93
CA ILE A 245 -21.75 -8.10 -13.80
C ILE A 245 -20.70 -9.19 -13.89
N PRO A 246 -21.10 -10.45 -13.76
CA PRO A 246 -20.15 -11.57 -13.80
C PRO A 246 -19.54 -11.84 -15.18
N ASN A 247 -18.29 -12.31 -15.16
CA ASN A 247 -17.58 -12.79 -16.34
C ASN A 247 -17.49 -11.78 -17.49
N GLN A 248 -17.31 -10.51 -17.15
CA GLN A 248 -17.16 -9.48 -18.18
C GLN A 248 -15.96 -8.57 -17.90
N GLY A 249 -14.96 -9.11 -17.21
CA GLY A 249 -13.72 -8.38 -16.96
C GLY A 249 -13.02 -7.93 -18.23
N TYR A 250 -13.03 -8.76 -19.26
CA TYR A 250 -12.34 -8.41 -20.50
C TYR A 250 -12.97 -7.16 -21.13
N LEU A 251 -14.27 -6.98 -20.96
CA LEU A 251 -14.91 -5.80 -21.50
C LEU A 251 -14.66 -4.57 -20.61
N SER A 252 -14.50 -4.78 -19.32
CA SER A 252 -14.14 -3.69 -18.41
C SER A 252 -12.76 -3.15 -18.79
N GLU A 253 -11.81 -4.07 -19.01
CA GLU A 253 -10.47 -3.71 -19.53
C GLU A 253 -10.57 -2.90 -20.81
N ALA A 254 -11.31 -3.41 -21.79
CA ALA A 254 -11.46 -2.67 -23.05
C ALA A 254 -12.22 -1.34 -22.83
N GLY A 255 -13.22 -1.35 -21.96
CA GLY A 255 -13.98 -0.15 -21.68
C GLY A 255 -13.14 0.94 -21.04
N ALA A 256 -12.20 0.59 -20.16
CA ALA A 256 -11.35 1.61 -19.52
C ALA A 256 -10.52 2.33 -20.57
N TYR A 257 -9.99 1.56 -21.52
CA TYR A 257 -9.21 2.20 -22.58
C TYR A 257 -10.14 3.10 -23.44
N LEU A 258 -11.35 2.63 -23.71
CA LEU A 258 -12.31 3.43 -24.48
C LEU A 258 -12.55 4.78 -23.82
N VAL A 259 -12.72 4.78 -22.48
CA VAL A 259 -12.97 6.02 -21.75
C VAL A 259 -11.74 6.93 -21.79
N ASP A 260 -10.57 6.33 -21.51
CA ASP A 260 -9.29 7.05 -21.59
C ASP A 260 -9.17 7.78 -22.93
N ASN A 261 -9.36 7.02 -24.00
CA ASN A 261 -9.14 7.54 -25.35
C ASN A 261 -10.10 8.68 -25.69
N LYS A 262 -11.35 8.55 -25.28
CA LYS A 262 -12.32 9.59 -25.60
C LYS A 262 -12.00 10.90 -24.88
N LEU A 263 -11.42 10.81 -23.69
CA LEU A 263 -11.02 11.99 -22.95
C LEU A 263 -9.56 12.38 -23.20
N HIS A 264 -8.88 11.57 -24.01
CA HIS A 264 -7.44 11.72 -24.24
C HIS A 264 -6.60 11.76 -22.97
N LEU A 265 -6.89 10.87 -22.03
CA LEU A 265 -6.11 10.81 -20.78
C LEU A 265 -4.69 10.30 -21.05
N SER A 266 -4.61 9.27 -21.89
CA SER A 266 -3.36 8.63 -22.32
C SER A 266 -2.58 7.98 -21.17
N ILE A 267 -3.28 7.29 -20.29
CA ILE A 267 -2.62 6.56 -19.20
C ILE A 267 -2.95 5.07 -19.23
N VAL A 268 -4.05 4.69 -19.88
CA VAL A 268 -4.34 3.28 -20.08
C VAL A 268 -3.65 2.81 -21.36
N PRO A 269 -2.76 1.80 -21.28
CA PRO A 269 -2.18 1.27 -22.53
C PRO A 269 -3.28 0.71 -23.43
N LYS A 270 -3.10 0.81 -24.75
CA LYS A 270 -4.15 0.40 -25.66
C LYS A 270 -4.65 -1.01 -25.35
N THR A 271 -5.96 -1.15 -25.17
CA THR A 271 -6.56 -2.40 -24.74
C THR A 271 -7.79 -2.69 -25.58
N LYS A 272 -7.82 -3.85 -26.21
CA LYS A 272 -8.91 -4.21 -27.10
C LYS A 272 -9.38 -5.61 -26.84
N VAL A 273 -10.60 -5.92 -27.28
CA VAL A 273 -11.12 -7.26 -27.24
C VAL A 273 -10.55 -8.02 -28.45
N VAL A 274 -9.84 -9.12 -28.19
CA VAL A 274 -9.29 -9.94 -29.28
C VAL A 274 -9.60 -11.43 -29.10
N TRP A 275 -9.32 -12.21 -30.14
CA TRP A 275 -9.37 -13.66 -30.07
C TRP A 275 -7.97 -14.23 -30.29
N LEU A 276 -7.58 -15.19 -29.45
CA LEU A 276 -6.32 -15.88 -29.61
C LEU A 276 -6.51 -17.38 -29.40
N VAL A 277 -5.69 -18.17 -30.09
CA VAL A 277 -5.64 -19.61 -29.88
C VAL A 277 -4.25 -20.00 -29.43
N SER A 278 -4.16 -20.80 -28.37
CA SER A 278 -2.86 -21.22 -27.86
C SER A 278 -2.96 -22.46 -26.98
N GLU A 279 -1.95 -23.34 -27.13
CA GLU A 279 -1.86 -24.55 -26.33
C GLU A 279 -1.80 -24.21 -24.84
N THR A 280 -1.15 -23.10 -24.52
CA THR A 280 -0.91 -22.69 -23.14
C THR A 280 -2.15 -22.21 -22.40
N PHE A 281 -3.26 -22.04 -23.11
CA PHE A 281 -4.53 -21.68 -22.46
C PHE A 281 -5.12 -22.90 -21.79
N ASN A 282 -6.07 -22.69 -20.88
CA ASN A 282 -6.70 -23.79 -20.18
C ASN A 282 -8.01 -24.21 -20.87
N TYR A 283 -7.97 -25.34 -21.56
CA TYR A 283 -9.15 -25.84 -22.26
C TYR A 283 -9.78 -27.04 -21.55
N ASN A 284 -11.07 -27.27 -21.80
CA ASN A 284 -11.78 -28.41 -21.23
C ASN A 284 -11.95 -29.53 -22.25
N PRO A 314 -9.45 -24.02 -31.21
CA PRO A 314 -10.55 -23.34 -30.52
C PRO A 314 -10.13 -21.99 -29.91
N PRO A 315 -10.45 -20.88 -30.61
CA PRO A 315 -10.08 -19.50 -30.23
C PRO A 315 -10.78 -18.99 -28.98
N LYS A 316 -10.03 -18.30 -28.12
CA LYS A 316 -10.60 -17.73 -26.91
C LYS A 316 -10.66 -16.21 -26.98
N ILE A 317 -11.81 -15.64 -26.62
CA ILE A 317 -11.97 -14.19 -26.57
C ILE A 317 -11.42 -13.66 -25.25
N GLY A 318 -11.03 -12.39 -25.23
CA GLY A 318 -10.47 -11.78 -24.04
C GLY A 318 -9.87 -10.43 -24.32
N SER A 319 -9.32 -9.79 -23.29
CA SER A 319 -8.71 -8.48 -23.45
C SER A 319 -7.22 -8.60 -23.75
N PHE A 320 -6.74 -7.73 -24.63
CA PHE A 320 -5.33 -7.68 -24.97
C PHE A 320 -4.82 -6.26 -24.73
N GLN A 321 -3.96 -6.08 -23.73
CA GLN A 321 -3.45 -4.76 -23.40
C GLN A 321 -1.97 -4.67 -23.71
N LEU A 322 -1.57 -3.59 -24.36
CA LEU A 322 -0.19 -3.43 -24.79
C LEU A 322 0.71 -3.45 -23.58
N PHE A 323 1.82 -4.15 -23.66
CA PHE A 323 2.80 -4.21 -22.58
C PHE A 323 3.64 -2.93 -22.54
N VAL A 324 3.75 -2.31 -21.36
CA VAL A 324 4.55 -1.09 -21.25
C VAL A 324 5.86 -1.41 -20.51
N GLU A 325 6.95 -0.79 -20.97
CA GLU A 325 8.27 -1.18 -20.50
C GLU A 325 8.91 -0.17 -19.57
N GLY A 326 9.66 -0.68 -18.60
CA GLY A 326 10.42 0.19 -17.72
C GLY A 326 9.61 0.83 -16.60
N TYR A 327 8.43 0.28 -16.30
CA TYR A 327 7.60 0.81 -15.22
C TYR A 327 7.78 0.05 -13.91
N LYS A 328 7.55 0.73 -12.78
CA LYS A 328 7.51 0.10 -11.47
C LYS A 328 6.14 0.34 -10.84
N GLU A 329 5.81 -0.38 -9.78
CA GLU A 329 4.56 -0.10 -9.05
C GLU A 329 4.62 1.28 -8.46
N ALA A 330 3.48 1.98 -8.46
CA ALA A 330 3.43 3.30 -7.86
C ALA A 330 4.02 3.24 -6.46
N GLU A 331 3.68 2.19 -5.71
CA GLU A 331 4.10 2.11 -4.31
C GLU A 331 5.64 2.15 -4.21
N TYR A 332 6.32 1.52 -5.16
CA TYR A 332 7.78 1.53 -5.19
C TYR A 332 8.28 2.96 -5.32
N TRP A 333 7.79 3.71 -6.31
CA TRP A 333 8.31 5.06 -6.50
C TRP A 333 7.90 5.98 -5.36
N LEU A 334 6.70 5.80 -4.82
CA LEU A 334 6.29 6.61 -3.66
C LEU A 334 7.27 6.43 -2.48
N ARG A 335 7.74 5.21 -2.30
CA ARG A 335 8.71 4.92 -1.27
C ARG A 335 10.04 5.63 -1.57
N LYS A 336 10.51 5.51 -2.81
CA LYS A 336 11.77 6.15 -3.22
C LYS A 336 11.73 7.69 -3.09
N PHE A 337 10.58 8.30 -3.39
CA PHE A 337 10.48 9.75 -3.29
C PHE A 337 10.56 10.29 -1.87
N GLU A 338 10.45 9.42 -0.85
CA GLU A 338 10.61 9.90 0.52
C GLU A 338 12.04 10.40 0.78
N ALA A 339 13.02 9.81 0.12
CA ALA A 339 14.42 10.21 0.34
C ALA A 339 14.88 11.16 -0.77
N ASP A 340 14.27 11.01 -1.94
CA ASP A 340 14.63 11.80 -3.11
C ASP A 340 13.40 12.43 -3.75
N PRO A 341 12.86 13.48 -3.11
CA PRO A 341 11.63 14.15 -3.53
C PRO A 341 11.79 14.71 -4.93
N LEU A 342 10.68 14.84 -5.64
CA LEU A 342 10.74 15.25 -7.02
C LEU A 342 11.01 16.75 -7.03
N PRO A 343 11.84 17.20 -7.99
CA PRO A 343 12.01 18.64 -8.27
C PRO A 343 10.65 19.21 -8.65
N GLU A 344 10.41 20.50 -8.45
CA GLU A 344 9.06 21.03 -8.64
C GLU A 344 8.50 20.74 -10.03
N ASN A 345 9.32 20.84 -11.08
CA ASN A 345 8.81 20.63 -12.44
C ASN A 345 8.30 19.22 -12.63
N ILE A 346 8.93 18.25 -11.98
CA ILE A 346 8.50 16.87 -12.13
C ILE A 346 7.41 16.55 -11.12
N ARG A 347 7.44 17.19 -9.94
CA ARG A 347 6.33 17.04 -9.00
C ARG A 347 5.03 17.45 -9.68
N LYS A 348 5.10 18.51 -10.49
CA LYS A 348 3.92 19.05 -11.18
C LYS A 348 3.41 18.12 -12.28
N GLN A 349 4.33 17.59 -13.07
CA GLN A 349 4.00 16.59 -14.09
C GLN A 349 3.42 15.30 -13.48
N PHE A 350 4.02 14.83 -12.40
CA PHE A 350 3.50 13.65 -11.70
C PHE A 350 2.07 13.90 -11.21
N GLN A 351 1.86 15.06 -10.59
N GLN A 351 1.82 15.05 -10.61
CA GLN A 351 0.55 15.47 -10.11
CA GLN A 351 0.49 15.32 -10.07
C GLN A 351 -0.49 15.34 -11.22
C GLN A 351 -0.55 15.44 -11.19
N SER A 352 -0.15 15.88 -12.38
CA SER A 352 -1.11 15.93 -13.49
C SER A 352 -1.37 14.52 -14.06
N GLN A 353 -0.36 13.66 -14.09
CA GLN A 353 -0.58 12.23 -14.37
C GLN A 353 -1.52 11.61 -13.35
N PHE A 354 -1.29 11.90 -12.07
CA PHE A 354 -2.10 11.39 -10.97
C PHE A 354 -3.56 11.82 -11.13
N GLU A 355 -3.77 13.08 -11.50
CA GLU A 355 -5.13 13.61 -11.68
C GLU A 355 -5.84 12.85 -12.81
N ARG A 356 -5.12 12.52 -13.88
CA ARG A 356 -5.69 11.73 -14.97
C ARG A 356 -6.15 10.36 -14.47
N LEU A 357 -5.32 9.72 -13.68
CA LEU A 357 -5.66 8.43 -13.08
C LEU A 357 -6.92 8.53 -12.23
N VAL A 358 -6.98 9.57 -11.41
CA VAL A 358 -8.10 9.78 -10.52
C VAL A 358 -9.40 9.93 -11.34
N ILE A 359 -9.29 10.68 -12.42
CA ILE A 359 -10.44 10.97 -13.29
C ILE A 359 -10.93 9.68 -13.96
N LEU A 360 -9.99 8.91 -14.50
CA LEU A 360 -10.32 7.59 -15.06
C LEU A 360 -11.04 6.67 -14.04
N ASP A 361 -10.44 6.49 -12.87
CA ASP A 361 -10.94 5.54 -11.88
C ASP A 361 -12.30 5.98 -11.34
N TYR A 362 -12.47 7.29 -11.20
CA TYR A 362 -13.71 7.80 -10.67
C TYR A 362 -14.84 7.60 -11.71
N ILE A 363 -14.57 7.98 -12.95
CA ILE A 363 -15.60 7.84 -13.98
C ILE A 363 -16.02 6.39 -14.17
N ILE A 364 -15.08 5.45 -14.27
CA ILE A 364 -15.46 4.05 -14.44
C ILE A 364 -15.78 3.35 -13.09
N ARG A 365 -15.74 4.10 -12.00
CA ARG A 365 -15.84 3.54 -10.63
C ARG A 365 -15.08 2.23 -10.48
N ASN A 366 -13.76 2.29 -10.70
CA ASN A 366 -12.90 1.15 -10.51
C ASN A 366 -13.08 0.62 -9.09
N THR A 367 -13.32 -0.69 -8.95
CA THR A 367 -13.46 -1.26 -7.61
C THR A 367 -12.18 -1.92 -7.12
N ASP A 368 -11.13 -1.91 -7.96
CA ASP A 368 -9.93 -2.70 -7.70
C ASP A 368 -8.61 -1.94 -7.95
N ARG A 369 -8.54 -0.67 -7.60
CA ARG A 369 -7.29 0.06 -7.79
C ARG A 369 -6.51 0.03 -6.48
N GLY A 370 -5.37 -0.64 -6.48
CA GLY A 370 -4.46 -0.55 -5.34
C GLY A 370 -3.28 0.31 -5.75
N ASN A 371 -2.33 0.49 -4.85
CA ASN A 371 -1.16 1.24 -5.27
C ASN A 371 -0.08 0.33 -5.85
N ASP A 372 -0.44 -0.93 -6.06
CA ASP A 372 0.42 -1.85 -6.79
C ASP A 372 0.03 -1.98 -8.26
N ASN A 373 -1.20 -1.60 -8.64
CA ASN A 373 -1.59 -1.79 -10.04
C ASN A 373 -1.95 -0.52 -10.78
N TRP A 374 -1.42 0.61 -10.33
CA TRP A 374 -1.05 1.64 -11.29
C TRP A 374 0.47 1.70 -11.25
N LEU A 375 1.08 1.92 -12.42
CA LEU A 375 2.53 1.83 -12.56
C LEU A 375 3.08 3.21 -12.87
N VAL A 376 4.34 3.42 -12.49
CA VAL A 376 4.99 4.70 -12.73
C VAL A 376 6.33 4.45 -13.41
N ARG A 377 6.63 5.20 -14.45
CA ARG A 377 7.95 5.14 -15.06
C ARG A 377 8.67 6.46 -14.79
N TYR A 378 9.91 6.35 -14.32
CA TYR A 378 10.69 7.53 -13.98
C TYR A 378 12.18 7.30 -14.17
N GLU A 379 12.85 8.25 -14.82
CA GLU A 379 14.29 8.18 -15.07
C GLU A 379 15.08 9.00 -14.04
N GLU A 399 6.90 15.64 -24.32
CA GLU A 399 7.48 14.43 -23.72
C GLU A 399 7.34 14.44 -22.20
N PHE A 400 7.29 13.24 -21.63
CA PHE A 400 7.12 13.10 -20.18
C PHE A 400 8.41 12.68 -19.47
N LEU A 401 8.72 13.35 -18.37
CA LEU A 401 9.82 12.94 -17.53
C LEU A 401 9.35 11.86 -16.54
N ILE A 402 8.08 11.95 -16.15
CA ILE A 402 7.46 10.93 -15.30
C ILE A 402 6.08 10.54 -15.87
N LYS A 403 5.72 9.26 -15.81
CA LYS A 403 4.53 8.77 -16.53
C LYS A 403 3.77 7.66 -15.78
N ILE A 404 2.44 7.76 -15.77
CA ILE A 404 1.63 6.72 -15.15
C ILE A 404 1.04 5.79 -16.21
N ALA A 405 0.97 4.51 -15.89
CA ALA A 405 0.25 3.54 -16.70
C ALA A 405 -0.82 2.96 -15.83
N ALA A 406 -2.08 3.16 -16.24
CA ALA A 406 -3.19 2.56 -15.50
C ALA A 406 -3.52 1.22 -16.13
N ILE A 407 -3.04 0.15 -15.49
CA ILE A 407 -3.23 -1.21 -15.98
C ILE A 407 -4.34 -1.95 -15.21
N ASP A 408 -4.62 -3.19 -15.60
CA ASP A 408 -5.44 -4.09 -14.77
C ASP A 408 -6.81 -3.49 -14.45
N ASN A 409 -7.58 -3.14 -15.47
CA ASN A 409 -8.83 -2.41 -15.26
C ASN A 409 -10.06 -3.30 -15.38
N GLY A 410 -9.92 -4.55 -14.97
CA GLY A 410 -10.96 -5.54 -15.23
C GLY A 410 -12.14 -5.54 -14.29
N LEU A 411 -12.13 -4.69 -13.26
CA LEU A 411 -13.22 -4.72 -12.27
C LEU A 411 -13.86 -3.35 -12.10
N ALA A 412 -14.29 -2.78 -13.21
CA ALA A 412 -14.89 -1.45 -13.24
C ALA A 412 -16.29 -1.50 -13.88
N PHE A 413 -16.90 -0.33 -14.11
CA PHE A 413 -18.26 -0.27 -14.63
C PHE A 413 -19.24 -1.14 -13.83
N PRO A 414 -19.30 -0.93 -12.51
CA PRO A 414 -20.32 -1.66 -11.74
C PRO A 414 -21.74 -1.25 -12.13
N PHE A 415 -22.70 -2.16 -11.98
CA PHE A 415 -24.09 -1.85 -12.30
C PHE A 415 -24.81 -1.13 -11.17
N LYS A 416 -24.18 -1.04 -10.01
CA LYS A 416 -24.68 -0.23 -8.89
C LYS A 416 -23.52 0.27 -8.03
N HIS A 417 -23.71 1.39 -7.35
CA HIS A 417 -22.77 1.80 -6.31
C HIS A 417 -22.70 0.75 -5.20
N PRO A 418 -21.52 0.51 -4.64
CA PRO A 418 -21.36 -0.47 -3.55
C PRO A 418 -22.25 -0.11 -2.34
N ASP A 419 -22.62 -1.12 -1.55
CA ASP A 419 -23.49 -0.89 -0.41
C ASP A 419 -22.76 -0.29 0.80
N GLU A 420 -21.44 -0.24 0.73
CA GLU A 420 -20.59 0.31 1.79
C GLU A 420 -20.49 -0.61 3.02
N TRP A 421 -20.99 -1.84 2.88
CA TRP A 421 -20.57 -2.94 3.74
C TRP A 421 -19.20 -3.36 3.22
N ARG A 422 -19.07 -3.32 1.90
CA ARG A 422 -17.78 -3.35 1.20
C ARG A 422 -17.61 -2.05 0.41
N ALA A 423 -16.68 -1.21 0.83
CA ALA A 423 -16.60 0.13 0.27
C ALA A 423 -15.88 0.16 -1.09
N TYR A 424 -15.06 -0.84 -1.38
CA TYR A 424 -14.19 -0.83 -2.57
C TYR A 424 -13.50 0.52 -2.80
N PRO A 425 -12.75 0.99 -1.79
CA PRO A 425 -12.13 2.31 -1.92
C PRO A 425 -11.05 2.36 -2.99
N PHE A 426 -10.72 3.56 -3.44
CA PHE A 426 -9.56 3.72 -4.30
C PHE A 426 -8.35 3.86 -3.39
N HIS A 427 -7.40 2.94 -3.49
CA HIS A 427 -6.25 3.00 -2.59
C HIS A 427 -5.37 4.23 -2.81
N TRP A 428 -5.48 4.90 -3.94
CA TRP A 428 -4.72 6.14 -4.08
C TRP A 428 -5.29 7.26 -3.22
N ALA A 429 -6.50 7.07 -2.70
CA ALA A 429 -7.16 8.08 -1.85
C ALA A 429 -6.51 8.23 -0.46
N TRP A 430 -5.68 7.24 -0.08
N TRP A 430 -5.67 7.28 -0.05
CA TRP A 430 -4.99 7.23 1.21
CA TRP A 430 -5.05 7.40 1.27
C TRP A 430 -3.70 8.07 1.16
C TRP A 430 -3.65 8.01 1.17
N LEU A 431 -3.26 8.39 -0.04
CA LEU A 431 -1.97 9.02 -0.26
C LEU A 431 -2.02 10.50 0.04
N PRO A 432 -0.93 11.06 0.60
CA PRO A 432 -0.86 12.50 0.88
C PRO A 432 -1.18 13.32 -0.37
N GLN A 433 -0.69 12.88 -1.51
CA GLN A 433 -0.89 13.50 -2.81
C GLN A 433 -2.36 13.74 -3.15
N ALA A 434 -3.22 12.90 -2.61
CA ALA A 434 -4.62 12.95 -2.98
C ALA A 434 -5.30 14.22 -2.43
N LYS A 435 -4.61 14.93 -1.54
CA LYS A 435 -5.25 16.09 -0.92
C LYS A 435 -4.88 17.39 -1.64
N VAL A 436 -4.10 17.29 -2.70
CA VAL A 436 -3.78 18.41 -3.57
C VAL A 436 -4.98 18.75 -4.49
N PRO A 437 -5.42 20.02 -4.51
CA PRO A 437 -6.56 20.35 -5.40
C PRO A 437 -6.23 20.04 -6.84
N PHE A 438 -7.23 19.65 -7.64
CA PHE A 438 -7.02 19.46 -9.08
C PHE A 438 -6.43 20.73 -9.69
N SER A 439 -5.41 20.57 -10.51
CA SER A 439 -4.76 21.70 -11.17
C SER A 439 -5.73 22.39 -12.11
N GLU A 440 -5.46 23.66 -12.39
CA GLU A 440 -6.24 24.39 -13.40
C GLU A 440 -6.04 23.73 -14.76
N GLU A 441 -4.84 23.19 -14.97
CA GLU A 441 -4.51 22.48 -16.20
C GLU A 441 -5.51 21.34 -16.48
N ILE A 442 -5.73 20.48 -15.49
CA ILE A 442 -6.59 19.32 -15.70
C ILE A 442 -8.05 19.75 -15.81
N ARG A 443 -8.43 20.74 -15.02
CA ARG A 443 -9.79 21.24 -15.02
C ARG A 443 -10.17 21.79 -16.39
N ASN A 444 -9.33 22.63 -16.96
CA ASN A 444 -9.62 23.24 -18.25
C ASN A 444 -9.62 22.19 -19.37
N LEU A 445 -8.84 21.14 -19.21
CA LEU A 445 -8.77 20.10 -20.23
C LEU A 445 -10.01 19.20 -20.23
N ILE A 446 -10.46 18.85 -19.03
CA ILE A 446 -11.48 17.83 -18.89
C ILE A 446 -12.91 18.39 -18.82
N LEU A 447 -13.10 19.53 -18.17
CA LEU A 447 -14.45 20.06 -17.97
C LEU A 447 -15.26 20.24 -19.26
N PRO A 448 -14.61 20.72 -20.34
CA PRO A 448 -15.32 20.90 -21.62
C PRO A 448 -15.87 19.61 -22.21
N TYR A 449 -15.31 18.47 -21.83
CA TYR A 449 -15.86 17.19 -22.24
C TYR A 449 -17.00 16.75 -21.34
N ILE A 450 -16.71 16.56 -20.06
CA ILE A 450 -17.67 15.92 -19.17
C ILE A 450 -18.90 16.78 -18.86
N SER A 451 -18.82 18.10 -19.06
CA SER A 451 -20.01 18.94 -18.85
C SER A 451 -20.81 19.10 -20.16
N ASP A 452 -20.33 18.48 -21.22
CA ASP A 452 -21.03 18.48 -22.51
C ASP A 452 -21.91 17.23 -22.57
N MET A 453 -23.22 17.41 -22.44
CA MET A 453 -24.13 16.28 -22.42
C MET A 453 -24.08 15.46 -23.72
N ASN A 454 -23.75 16.11 -24.83
CA ASN A 454 -23.57 15.39 -26.09
C ASN A 454 -22.38 14.42 -26.02
N PHE A 455 -21.26 14.92 -25.51
CA PHE A 455 -20.08 14.08 -25.30
C PHE A 455 -20.43 12.87 -24.41
N VAL A 456 -21.15 13.13 -23.32
CA VAL A 456 -21.47 12.06 -22.39
C VAL A 456 -22.41 11.04 -23.05
N GLN A 457 -23.37 11.51 -23.84
CA GLN A 457 -24.21 10.58 -24.59
C GLN A 457 -23.39 9.74 -25.57
N ASP A 458 -22.48 10.37 -26.33
CA ASP A 458 -21.65 9.64 -27.27
C ASP A 458 -20.79 8.59 -26.56
N LEU A 459 -20.28 8.93 -25.37
CA LEU A 459 -19.50 7.96 -24.61
C LEU A 459 -20.36 6.76 -24.23
N CYS A 460 -21.57 7.04 -23.74
CA CYS A 460 -22.48 5.95 -23.39
C CYS A 460 -22.78 5.07 -24.62
N GLU A 461 -22.96 5.70 -25.77
CA GLU A 461 -23.23 4.94 -27.00
C GLU A 461 -22.04 4.08 -27.42
N ASP A 462 -20.82 4.64 -27.28
CA ASP A 462 -19.60 3.88 -27.53
C ASP A 462 -19.46 2.66 -26.64
N LEU A 463 -19.80 2.83 -25.37
CA LEU A 463 -19.71 1.72 -24.43
C LEU A 463 -20.80 0.68 -24.72
N TYR A 464 -21.98 1.14 -25.12
CA TYR A 464 -23.03 0.20 -25.52
C TYR A 464 -22.52 -0.69 -26.65
N GLU A 465 -21.92 -0.08 -27.68
CA GLU A 465 -21.45 -0.84 -28.82
C GLU A 465 -20.42 -1.88 -28.40
N LEU A 466 -19.56 -1.52 -27.43
CA LEU A 466 -18.59 -2.51 -26.92
C LEU A 466 -19.28 -3.57 -26.03
N PHE A 467 -20.13 -3.12 -25.12
CA PHE A 467 -20.63 -4.03 -24.11
C PHE A 467 -21.67 -5.00 -24.65
N LYS A 468 -22.39 -4.60 -25.70
CA LYS A 468 -23.46 -5.45 -26.21
C LYS A 468 -22.94 -6.67 -26.95
N THR A 469 -21.63 -6.75 -27.15
CA THR A 469 -21.08 -7.87 -27.90
C THR A 469 -21.06 -9.18 -27.10
N ASP A 470 -21.15 -9.08 -25.78
CA ASP A 470 -21.05 -10.27 -24.93
C ASP A 470 -22.38 -11.02 -24.89
N LYS A 471 -22.28 -12.35 -24.92
CA LYS A 471 -23.47 -13.22 -24.92
C LYS A 471 -24.44 -12.89 -23.81
N GLY A 472 -23.91 -12.59 -22.63
CA GLY A 472 -24.74 -12.32 -21.47
C GLY A 472 -25.26 -10.91 -21.34
N PHE A 473 -25.10 -10.08 -22.37
CA PHE A 473 -25.54 -8.69 -22.29
C PHE A 473 -27.02 -8.56 -21.93
N ASP A 474 -27.34 -7.57 -21.09
CA ASP A 474 -28.71 -7.29 -20.70
C ASP A 474 -28.94 -5.80 -20.67
N LYS A 475 -29.96 -5.33 -21.38
CA LYS A 475 -30.15 -3.91 -21.59
C LYS A 475 -30.39 -3.12 -20.30
N ALA A 476 -31.22 -3.66 -19.40
CA ALA A 476 -31.53 -2.98 -18.15
C ALA A 476 -30.28 -2.83 -17.28
N THR A 477 -29.48 -3.88 -17.22
CA THR A 477 -28.23 -3.90 -16.45
C THR A 477 -27.22 -2.90 -17.02
N PHE A 478 -27.20 -2.77 -18.35
CA PHE A 478 -26.29 -1.81 -18.99
C PHE A 478 -26.73 -0.39 -18.67
N GLU A 479 -28.03 -0.15 -18.71
CA GLU A 479 -28.52 1.19 -18.43
C GLU A 479 -28.23 1.52 -16.96
N SER A 480 -28.24 0.50 -16.11
CA SER A 480 -27.79 0.66 -14.73
C SER A 480 -26.30 1.04 -14.67
N GLN A 481 -25.47 0.31 -15.40
CA GLN A 481 -24.05 0.68 -15.49
C GLN A 481 -23.88 2.12 -15.91
N MET A 482 -24.68 2.58 -16.88
CA MET A 482 -24.53 3.95 -17.38
C MET A 482 -25.10 4.96 -16.40
N SER A 483 -26.13 4.61 -15.63
CA SER A 483 -26.63 5.61 -14.69
C SER A 483 -25.61 5.80 -13.54
N VAL A 484 -24.88 4.74 -13.20
CA VAL A 484 -23.76 4.86 -12.24
C VAL A 484 -22.67 5.75 -12.84
N MET A 485 -22.25 5.43 -14.07
CA MET A 485 -21.21 6.23 -14.70
C MET A 485 -21.62 7.68 -14.87
N ARG A 486 -22.84 7.94 -15.31
CA ARG A 486 -23.27 9.32 -15.47
C ARG A 486 -23.28 10.02 -14.11
N GLY A 487 -23.62 9.29 -13.06
CA GLY A 487 -23.57 9.86 -11.72
C GLY A 487 -22.17 10.26 -11.29
N GLN A 488 -21.21 9.39 -11.60
CA GLN A 488 -19.81 9.67 -11.30
C GLN A 488 -19.37 10.92 -12.04
N ILE A 489 -19.77 11.02 -13.30
CA ILE A 489 -19.36 12.14 -14.12
C ILE A 489 -19.93 13.45 -13.60
N LEU A 490 -21.17 13.40 -13.10
CA LEU A 490 -21.82 14.58 -12.53
C LEU A 490 -21.06 15.08 -11.30
N ASN A 491 -20.78 14.16 -10.37
CA ASN A 491 -20.00 14.49 -9.17
C ASN A 491 -18.61 15.01 -9.52
N LEU A 492 -17.96 14.40 -10.50
CA LEU A 492 -16.64 14.87 -10.91
C LEU A 492 -16.72 16.24 -11.54
N THR A 493 -17.78 16.50 -12.32
CA THR A 493 -17.97 17.83 -12.87
C THR A 493 -18.04 18.88 -11.76
N GLN A 494 -18.82 18.62 -10.73
CA GLN A 494 -18.98 19.57 -9.63
C GLN A 494 -17.68 19.73 -8.87
N ALA A 495 -17.00 18.62 -8.62
CA ALA A 495 -15.72 18.66 -7.90
C ALA A 495 -14.69 19.50 -8.64
N LEU A 496 -14.60 19.34 -9.95
CA LEU A 496 -13.64 20.13 -10.72
C LEU A 496 -14.03 21.61 -10.74
N ARG A 497 -15.34 21.88 -10.82
CA ARG A 497 -15.79 23.27 -10.76
C ARG A 497 -15.47 23.88 -9.40
N ASP A 498 -15.73 23.13 -8.34
CA ASP A 498 -15.46 23.61 -6.98
C ASP A 498 -13.95 23.67 -6.66
N GLY A 499 -13.11 23.25 -7.61
CA GLY A 499 -11.68 23.20 -7.39
C GLY A 499 -11.24 22.30 -6.25
N LYS A 500 -11.91 21.17 -6.08
CA LYS A 500 -11.59 20.24 -5.00
C LYS A 500 -10.38 19.34 -5.31
N SER A 501 -10.06 18.50 -4.35
CA SER A 501 -8.96 17.57 -4.49
C SER A 501 -9.54 16.17 -4.75
N PRO A 502 -8.70 15.26 -5.25
CA PRO A 502 -9.11 13.85 -5.36
C PRO A 502 -9.66 13.32 -4.05
N PHE A 503 -9.04 13.69 -2.94
CA PHE A 503 -9.50 13.23 -1.63
C PHE A 503 -10.91 13.71 -1.31
N GLN A 504 -11.20 14.99 -1.58
CA GLN A 504 -12.53 15.54 -1.38
C GLN A 504 -13.53 14.93 -2.36
N LEU A 505 -13.09 14.73 -3.60
CA LEU A 505 -13.93 14.08 -4.61
C LEU A 505 -14.52 12.77 -4.10
N VAL A 506 -13.69 11.92 -3.49
CA VAL A 506 -14.18 10.61 -3.11
C VAL A 506 -15.09 10.63 -1.89
N GLN A 507 -15.21 11.80 -1.25
N GLN A 507 -15.25 11.75 -1.18
CA GLN A 507 -16.10 11.97 -0.10
CA GLN A 507 -16.24 11.74 -0.09
C GLN A 507 -17.56 12.18 -0.53
C GLN A 507 -17.53 12.50 -0.43
N ILE A 508 -17.75 12.77 -1.71
CA ILE A 508 -19.08 13.20 -2.16
C ILE A 508 -20.01 12.01 -2.22
N PRO A 509 -21.19 12.10 -1.59
CA PRO A 509 -22.15 10.98 -1.63
C PRO A 509 -22.45 10.59 -3.07
N CYS A 510 -22.59 9.30 -3.32
CA CYS A 510 -22.73 8.81 -4.68
C CYS A 510 -24.11 9.21 -5.22
N VAL A 511 -24.16 9.55 -6.51
CA VAL A 511 -25.42 9.86 -7.17
C VAL A 511 -25.53 9.04 -8.45
N ILE A 512 -26.76 8.82 -8.90
CA ILE A 512 -27.00 8.21 -10.21
C ILE A 512 -27.73 9.22 -11.10
N VAL A 513 -27.69 9.00 -12.41
CA VAL A 513 -28.49 9.78 -13.34
C VAL A 513 -29.44 8.79 -13.98
N GLU A 514 -30.74 8.89 -13.66
CA GLU A 514 -31.68 7.87 -14.09
C GLU A 514 -32.01 8.03 -15.57
N MET B 8 34.42 -19.20 7.50
CA MET B 8 34.01 -17.87 7.95
C MET B 8 32.55 -17.83 8.36
N ASN B 9 31.75 -18.73 7.79
CA ASN B 9 30.33 -18.81 8.13
C ASN B 9 30.02 -20.02 9.03
N ALA B 10 30.78 -20.17 10.10
CA ALA B 10 30.66 -21.38 10.94
C ALA B 10 29.29 -21.51 11.60
N PHE B 11 28.79 -20.42 12.17
CA PHE B 11 27.50 -20.41 12.87
C PHE B 11 27.30 -21.60 13.83
N LEU B 12 28.23 -21.74 14.77
CA LEU B 12 28.13 -22.79 15.78
C LEU B 12 26.85 -22.64 16.61
N ASP B 13 26.36 -21.41 16.75
CA ASP B 13 25.17 -21.21 17.56
C ASP B 13 23.84 -21.37 16.78
N ASP B 14 23.93 -21.61 15.48
CA ASP B 14 22.72 -21.72 14.65
C ASP B 14 22.89 -22.79 13.58
N PRO B 15 22.67 -24.06 13.96
CA PRO B 15 22.84 -25.18 13.02
C PRO B 15 21.97 -25.04 11.77
N GLU B 16 20.72 -24.63 11.92
CA GLU B 16 19.86 -24.41 10.75
C GLU B 16 20.48 -23.44 9.75
N PHE B 17 21.01 -22.33 10.25
CA PHE B 17 21.59 -21.34 9.36
C PHE B 17 22.91 -21.81 8.79
N ALA B 18 23.66 -22.59 9.58
CA ALA B 18 24.93 -23.12 9.10
C ALA B 18 24.72 -24.04 7.89
N ASP B 19 23.65 -24.81 7.91
CA ASP B 19 23.38 -25.77 6.83
C ASP B 19 22.98 -25.02 5.56
N ILE B 20 22.23 -23.94 5.72
CA ILE B 20 21.85 -23.10 4.58
C ILE B 20 23.09 -22.49 3.95
N MET B 21 23.97 -21.90 4.75
CA MET B 21 25.20 -21.31 4.22
C MET B 21 26.11 -22.36 3.55
N LEU B 22 26.09 -23.58 4.05
CA LEU B 22 26.84 -24.67 3.41
C LEU B 22 26.25 -25.00 2.03
N ARG B 23 24.93 -25.07 1.95
CA ARG B 23 24.29 -25.27 0.65
C ARG B 23 24.62 -24.15 -0.32
N ALA B 24 24.78 -22.93 0.20
CA ALA B 24 25.17 -21.78 -0.63
C ALA B 24 26.57 -21.94 -1.21
N GLU B 25 27.52 -22.32 -0.36
CA GLU B 25 28.90 -22.46 -0.79
C GLU B 25 29.05 -23.67 -1.71
N GLN B 26 28.27 -24.72 -1.44
CA GLN B 26 28.23 -25.88 -2.32
C GLN B 26 27.71 -25.49 -3.72
N ALA B 27 26.63 -24.72 -3.75
CA ALA B 27 26.06 -24.27 -5.01
C ALA B 27 27.05 -23.43 -5.81
N ILE B 28 27.76 -22.55 -5.10
CA ILE B 28 28.78 -21.72 -5.74
C ILE B 28 29.95 -22.56 -6.20
N GLU B 29 30.20 -23.66 -5.50
CA GLU B 29 31.26 -24.59 -5.86
C GLU B 29 31.01 -25.17 -7.25
N VAL B 30 29.82 -25.71 -7.45
CA VAL B 30 29.46 -26.34 -8.73
C VAL B 30 28.90 -25.33 -9.73
N GLY B 31 29.28 -24.06 -9.61
CA GLY B 31 28.98 -23.06 -10.62
C GLY B 31 27.58 -22.44 -10.67
N ILE B 32 26.75 -22.72 -9.68
CA ILE B 32 25.44 -22.08 -9.58
C ILE B 32 25.51 -20.83 -8.71
N PHE B 33 25.72 -19.67 -9.35
CA PHE B 33 26.03 -18.44 -8.63
C PHE B 33 24.81 -17.63 -8.20
N PRO B 34 24.97 -16.80 -7.15
CA PRO B 34 23.95 -15.80 -6.79
C PRO B 34 23.57 -14.96 -8.00
N GLU B 35 22.29 -14.67 -8.13
CA GLU B 35 21.77 -13.94 -9.29
C GLU B 35 21.33 -12.54 -8.89
N ARG B 36 21.94 -11.51 -9.50
CA ARG B 36 21.52 -10.13 -9.27
C ARG B 36 20.00 -10.01 -9.48
N ILE B 37 19.31 -9.39 -8.53
CA ILE B 37 17.85 -9.33 -8.58
C ILE B 37 17.35 -8.26 -9.57
N SER B 38 18.04 -7.12 -9.59
CA SER B 38 17.62 -5.98 -10.41
C SER B 38 18.62 -5.65 -11.51
N SER B 42 19.44 -2.84 -5.74
CA SER B 42 20.35 -2.64 -6.87
C SER B 42 21.59 -3.53 -6.75
N GLY B 43 22.07 -3.71 -5.51
CA GLY B 43 23.11 -4.67 -5.20
C GLY B 43 22.54 -5.80 -4.35
N SER B 44 21.51 -6.45 -4.87
CA SER B 44 20.81 -7.53 -4.18
C SER B 44 20.83 -8.79 -5.04
N TYR B 45 21.01 -9.94 -4.39
CA TYR B 45 21.25 -11.20 -5.08
C TYR B 45 20.39 -12.32 -4.51
N PHE B 46 19.74 -13.08 -5.38
CA PHE B 46 19.11 -14.32 -4.98
C PHE B 46 20.17 -15.41 -4.90
N VAL B 47 20.36 -15.98 -3.72
CA VAL B 47 21.31 -17.07 -3.52
C VAL B 47 20.60 -18.39 -3.70
N LYS B 48 21.23 -19.33 -4.41
CA LYS B 48 20.61 -20.60 -4.73
C LYS B 48 21.36 -21.77 -4.12
N ASP B 49 20.65 -22.86 -3.81
CA ASP B 49 21.31 -24.10 -3.40
C ASP B 49 21.74 -24.86 -4.68
N PRO B 50 22.34 -26.04 -4.52
CA PRO B 50 22.85 -26.74 -5.72
C PRO B 50 21.73 -27.29 -6.62
N LYS B 51 20.50 -27.34 -6.12
CA LYS B 51 19.34 -27.68 -6.94
C LYS B 51 18.72 -26.43 -7.58
N ARG B 52 19.43 -25.32 -7.53
CA ARG B 52 18.99 -24.03 -8.07
C ARG B 52 17.79 -23.42 -7.35
N LYS B 53 17.42 -23.95 -6.19
CA LYS B 53 16.34 -23.38 -5.40
C LYS B 53 16.82 -22.10 -4.72
N ILE B 54 16.00 -21.07 -4.70
CA ILE B 54 16.41 -19.82 -4.03
C ILE B 54 16.32 -19.99 -2.53
N ILE B 55 17.43 -19.74 -1.83
CA ILE B 55 17.45 -19.96 -0.38
C ILE B 55 17.69 -18.67 0.43
N GLY B 56 18.23 -17.63 -0.20
CA GLY B 56 18.45 -16.39 0.53
C GLY B 56 18.57 -15.17 -0.35
N VAL B 57 18.47 -14.02 0.29
CA VAL B 57 18.72 -12.75 -0.35
C VAL B 57 19.97 -12.15 0.27
N PHE B 58 21.00 -11.99 -0.54
CA PHE B 58 22.29 -11.46 -0.08
C PHE B 58 22.50 -10.03 -0.55
N LYS B 59 22.93 -9.16 0.37
CA LYS B 59 23.20 -7.76 0.05
C LYS B 59 24.57 -7.34 0.56
N PRO B 60 25.58 -7.38 -0.32
CA PRO B 60 26.95 -7.03 0.08
C PRO B 60 27.07 -5.57 0.51
N LYS B 61 27.82 -5.35 1.58
CA LYS B 61 28.12 -4.00 2.05
C LYS B 61 28.65 -3.11 0.93
N SER B 62 29.49 -3.68 0.07
CA SER B 62 30.19 -2.88 -0.95
C SER B 62 29.31 -2.53 -2.14
N GLU B 63 28.07 -3.01 -2.15
CA GLU B 63 27.17 -2.70 -3.26
C GLU B 63 25.89 -2.02 -2.80
N GLU B 64 25.88 -1.53 -1.56
CA GLU B 64 24.76 -0.76 -1.05
C GLU B 64 24.65 0.55 -1.85
N PRO B 65 23.44 1.12 -1.93
CA PRO B 65 23.33 2.44 -2.57
C PRO B 65 24.33 3.41 -1.95
N TYR B 66 25.14 4.06 -2.79
CA TYR B 66 26.17 5.01 -2.35
C TYR B 66 27.40 4.34 -1.70
N GLY B 67 27.64 3.08 -2.02
CA GLY B 67 28.78 2.37 -1.47
C GLY B 67 29.99 2.26 -2.41
N GLN B 68 30.60 3.40 -2.72
CA GLN B 68 31.80 3.41 -3.57
C GLN B 68 32.38 4.81 -3.70
N THR B 74 36.80 11.78 -4.74
CA THR B 74 38.24 12.00 -4.69
C THR B 74 38.56 13.44 -4.26
N LYS B 75 38.89 14.31 -5.22
CA LYS B 75 39.14 15.71 -4.93
C LYS B 75 37.83 16.50 -4.83
N TYR B 76 37.57 17.12 -3.69
CA TYR B 76 36.33 17.89 -3.53
C TYR B 76 36.55 19.39 -3.65
N ASN B 77 35.71 20.03 -4.45
CA ASN B 77 35.81 21.44 -4.74
C ASN B 77 34.57 21.87 -5.52
N ILE B 78 34.48 23.17 -5.84
CA ILE B 78 33.31 23.70 -6.51
C ILE B 78 32.97 22.93 -7.80
N PHE B 79 33.99 22.52 -8.55
CA PHE B 79 33.76 21.79 -9.79
C PHE B 79 33.14 20.42 -9.53
N GLU B 80 33.69 19.69 -8.58
CA GLU B 80 33.13 18.39 -8.26
C GLU B 80 31.76 18.53 -7.62
N MET B 81 31.60 19.60 -6.86
CA MET B 81 30.34 19.89 -6.20
C MET B 81 29.25 20.07 -7.26
N LEU B 82 29.49 20.96 -8.21
CA LEU B 82 28.52 21.21 -9.28
C LEU B 82 28.31 20.02 -10.21
N ARG B 83 29.33 19.18 -10.40
CA ARG B 83 29.15 18.00 -11.24
C ARG B 83 28.12 17.06 -10.63
N ILE B 84 28.16 16.94 -9.31
CA ILE B 84 27.19 16.12 -8.60
C ILE B 84 25.80 16.72 -8.72
N ASP B 85 25.70 18.04 -8.56
CA ASP B 85 24.40 18.71 -8.56
C ASP B 85 23.79 18.84 -9.94
N GLU B 86 24.61 19.00 -10.97
CA GLU B 86 24.09 19.26 -12.32
C GLU B 86 24.11 18.03 -13.22
N GLY B 87 25.03 17.10 -12.98
CA GLY B 87 25.19 15.95 -13.85
C GLY B 87 25.73 16.32 -15.21
N LEU B 88 25.81 15.35 -16.12
CA LEU B 88 26.36 15.61 -17.45
C LEU B 88 25.50 15.07 -18.58
N ARG B 89 24.74 15.96 -19.22
CA ARG B 89 23.96 15.60 -20.40
C ARG B 89 24.60 16.20 -21.64
N LEU B 90 24.65 15.44 -22.73
CA LEU B 90 25.31 15.89 -23.95
C LEU B 90 24.33 16.50 -24.95
N LYS B 91 23.10 16.00 -24.97
CA LYS B 91 22.03 16.61 -25.75
C LYS B 91 21.33 17.66 -24.90
N ILE B 92 20.41 18.42 -25.49
CA ILE B 92 19.69 19.45 -24.75
C ILE B 92 18.68 18.82 -23.80
N TYR B 93 18.29 19.56 -22.77
CA TYR B 93 17.23 19.14 -21.87
C TYR B 93 16.66 20.36 -21.13
N LYS B 94 15.68 20.13 -20.26
CA LYS B 94 15.08 21.22 -19.49
C LYS B 94 15.50 21.12 -18.03
N ASP B 95 15.57 22.25 -17.36
CA ASP B 95 15.98 22.30 -15.96
C ASP B 95 14.78 22.25 -15.03
N THR B 96 15.02 22.43 -13.74
CA THR B 96 13.96 22.38 -12.75
C THR B 96 12.97 23.53 -12.91
N GLU B 97 13.31 24.47 -13.79
CA GLU B 97 12.46 25.64 -13.99
C GLU B 97 12.03 25.82 -15.44
N GLY B 98 12.08 24.74 -16.22
CA GLY B 98 11.52 24.74 -17.56
C GLY B 98 12.49 24.97 -18.71
N TYR B 99 13.29 26.03 -18.62
CA TYR B 99 14.17 26.45 -19.72
C TYR B 99 15.14 25.36 -20.15
N TYR B 100 15.62 25.46 -21.39
CA TYR B 100 16.49 24.44 -21.98
C TYR B 100 17.96 24.65 -21.61
N THR B 101 18.65 23.55 -21.34
CA THR B 101 20.05 23.60 -20.93
C THR B 101 20.85 22.53 -21.69
N ILE B 102 22.18 22.60 -21.63
CA ILE B 102 23.00 21.76 -22.50
C ILE B 102 23.86 20.71 -21.77
N GLY B 103 25.06 21.09 -21.33
CA GLY B 103 26.06 20.12 -20.89
C GLY B 103 26.10 19.81 -19.40
N ILE B 104 26.89 20.58 -18.67
CA ILE B 104 26.87 20.51 -17.20
C ILE B 104 26.11 21.72 -16.67
N GLY B 105 24.79 21.69 -16.83
CA GLY B 105 23.93 22.76 -16.34
C GLY B 105 24.14 24.08 -17.06
N HIS B 106 24.60 24.01 -18.31
CA HIS B 106 24.73 25.22 -19.11
C HIS B 106 23.39 25.67 -19.65
N LEU B 107 22.99 26.90 -19.28
CA LEU B 107 21.71 27.45 -19.71
C LEU B 107 21.61 27.56 -21.24
N ILE B 133 27.13 17.41 -28.64
CA ILE B 133 28.23 17.97 -27.86
C ILE B 133 29.02 16.87 -27.16
N THR B 134 30.35 17.01 -27.13
CA THR B 134 31.21 16.02 -26.51
C THR B 134 31.49 16.34 -25.04
N LYS B 135 32.23 15.46 -24.37
CA LYS B 135 32.54 15.61 -22.95
C LYS B 135 33.46 16.80 -22.73
N ASP B 136 34.65 16.75 -23.34
CA ASP B 136 35.63 17.83 -23.23
C ASP B 136 35.04 19.17 -23.66
N GLU B 137 34.06 19.11 -24.56
CA GLU B 137 33.33 20.32 -24.94
C GLU B 137 32.45 20.80 -23.80
N ALA B 138 31.86 19.85 -23.08
CA ALA B 138 31.02 20.18 -21.93
C ALA B 138 31.84 20.83 -20.82
N GLU B 139 33.02 20.26 -20.58
CA GLU B 139 33.95 20.75 -19.57
C GLU B 139 34.40 22.18 -19.84
N LYS B 140 34.59 22.53 -21.11
CA LYS B 140 35.01 23.87 -21.49
C LYS B 140 33.91 24.88 -21.16
N LEU B 141 32.68 24.53 -21.49
CA LEU B 141 31.54 25.36 -21.13
C LEU B 141 31.44 25.49 -19.60
N PHE B 142 31.64 24.36 -18.91
CA PHE B 142 31.53 24.31 -17.46
C PHE B 142 32.48 25.29 -16.76
N ASN B 143 33.77 25.18 -17.06
CA ASN B 143 34.78 26.05 -16.46
C ASN B 143 34.49 27.53 -16.72
N GLN B 144 33.98 27.83 -17.91
CA GLN B 144 33.56 29.18 -18.23
C GLN B 144 32.37 29.61 -17.37
N ASP B 145 31.42 28.72 -17.16
CA ASP B 145 30.25 29.05 -16.37
C ASP B 145 30.61 29.27 -14.90
N VAL B 146 31.56 28.49 -14.38
CA VAL B 146 32.01 28.70 -13.01
C VAL B 146 32.68 30.06 -12.89
N ASP B 147 33.63 30.33 -13.78
CA ASP B 147 34.31 31.61 -13.80
C ASP B 147 33.32 32.77 -13.84
N ALA B 148 32.28 32.62 -14.66
CA ALA B 148 31.22 33.63 -14.77
C ALA B 148 30.47 33.84 -13.44
N ALA B 149 30.15 32.77 -12.74
CA ALA B 149 29.50 32.89 -11.43
C ALA B 149 30.40 33.67 -10.47
N VAL B 150 31.69 33.33 -10.44
CA VAL B 150 32.61 34.01 -9.54
C VAL B 150 32.70 35.51 -9.84
N ARG B 151 32.61 35.85 -11.13
CA ARG B 151 32.58 37.25 -11.54
C ARG B 151 31.34 37.95 -11.02
N GLY B 152 30.20 37.28 -11.18
CA GLY B 152 28.94 37.79 -10.67
C GLY B 152 29.02 38.11 -9.20
N ILE B 153 29.68 37.24 -8.45
CA ILE B 153 29.87 37.45 -7.01
C ILE B 153 30.74 38.67 -6.76
N LEU B 154 31.90 38.71 -7.41
CA LEU B 154 32.90 39.74 -7.14
C LEU B 154 32.42 41.12 -7.59
N ARG B 155 31.59 41.16 -8.63
CA ARG B 155 31.09 42.45 -9.13
C ARG B 155 29.78 42.87 -8.46
N ASN B 156 29.32 42.09 -7.47
CA ASN B 156 28.09 42.43 -6.77
C ASN B 156 28.36 42.94 -5.37
N ALA B 157 27.75 44.08 -5.05
CA ALA B 157 28.01 44.78 -3.80
C ALA B 157 27.51 44.02 -2.58
N LYS B 158 26.54 43.14 -2.75
CA LYS B 158 26.01 42.39 -1.61
C LYS B 158 26.70 41.03 -1.46
N LEU B 159 27.15 40.47 -2.57
CA LEU B 159 27.74 39.13 -2.57
C LEU B 159 29.23 39.13 -2.20
N LYS B 160 29.97 40.12 -2.71
CA LYS B 160 31.42 40.13 -2.55
C LYS B 160 31.86 40.10 -1.10
N PRO B 161 31.32 41.00 -0.26
CA PRO B 161 31.70 41.04 1.16
C PRO B 161 31.42 39.73 1.87
N VAL B 162 30.32 39.08 1.49
CA VAL B 162 29.98 37.79 2.07
C VAL B 162 31.03 36.77 1.62
N TYR B 163 31.21 36.69 0.31
CA TYR B 163 32.19 35.81 -0.32
C TYR B 163 33.57 35.94 0.32
N ASP B 164 34.04 37.18 0.43
CA ASP B 164 35.35 37.45 1.02
C ASP B 164 35.47 36.94 2.45
N SER B 165 34.39 37.09 3.21
CA SER B 165 34.35 36.68 4.61
C SER B 165 34.34 35.16 4.78
N LEU B 166 33.91 34.44 3.75
CA LEU B 166 33.72 32.99 3.86
C LEU B 166 35.00 32.15 3.71
N ASP B 167 35.05 31.01 4.40
CA ASP B 167 36.09 30.00 4.13
C ASP B 167 35.88 29.38 2.75
N ALA B 168 36.89 28.64 2.28
CA ALA B 168 36.86 28.09 0.93
C ALA B 168 35.67 27.17 0.64
N VAL B 169 35.33 26.28 1.58
CA VAL B 169 34.24 25.34 1.32
C VAL B 169 32.90 26.06 1.24
N ARG B 170 32.68 27.01 2.15
CA ARG B 170 31.45 27.80 2.12
C ARG B 170 31.43 28.75 0.93
N ARG B 171 32.59 29.22 0.50
CA ARG B 171 32.63 29.97 -0.75
C ARG B 171 32.09 29.13 -1.90
N ALA B 172 32.45 27.84 -1.92
CA ALA B 172 31.95 26.95 -2.96
C ALA B 172 30.42 26.88 -2.90
N ALA B 173 29.85 26.85 -1.70
CA ALA B 173 28.41 26.76 -1.58
C ALA B 173 27.73 28.01 -2.18
N LEU B 174 28.32 29.18 -1.96
CA LEU B 174 27.77 30.41 -2.52
C LEU B 174 27.89 30.42 -4.05
N ILE B 175 29.02 29.92 -4.58
CA ILE B 175 29.20 29.86 -6.03
C ILE B 175 28.17 28.90 -6.63
N ASN B 176 27.88 27.82 -5.90
CA ASN B 176 26.89 26.85 -6.36
C ASN B 176 25.55 27.55 -6.56
N MET B 177 25.16 28.39 -5.60
CA MET B 177 23.88 29.12 -5.68
C MET B 177 23.83 30.05 -6.89
N VAL B 178 24.89 30.84 -7.05
CA VAL B 178 24.97 31.77 -8.18
C VAL B 178 24.96 31.05 -9.51
N PHE B 179 25.66 29.94 -9.58
CA PHE B 179 25.69 29.10 -10.77
C PHE B 179 24.28 28.63 -11.12
N GLN B 180 23.48 28.33 -10.10
CA GLN B 180 22.14 27.79 -10.33
C GLN B 180 21.11 28.87 -10.65
N MET B 181 21.11 29.93 -9.84
CA MET B 181 20.07 30.96 -9.86
C MET B 181 20.51 32.29 -10.46
N GLY B 182 21.81 32.47 -10.67
CA GLY B 182 22.33 33.72 -11.18
C GLY B 182 22.56 34.77 -10.10
N GLU B 183 23.45 35.72 -10.38
CA GLU B 183 23.86 36.74 -9.41
C GLU B 183 22.70 37.53 -8.83
N THR B 184 21.73 37.90 -9.65
CA THR B 184 20.62 38.74 -9.17
C THR B 184 19.79 37.98 -8.15
N GLY B 185 19.45 36.75 -8.50
CA GLY B 185 18.67 35.90 -7.62
C GLY B 185 19.31 35.69 -6.25
N VAL B 186 20.60 35.35 -6.21
CA VAL B 186 21.25 35.09 -4.94
C VAL B 186 21.40 36.36 -4.12
N ALA B 187 21.70 37.46 -4.80
CA ALA B 187 21.79 38.76 -4.13
C ALA B 187 20.48 39.09 -3.42
N GLY B 188 19.39 38.56 -3.93
CA GLY B 188 18.06 38.75 -3.33
C GLY B 188 17.86 38.12 -1.96
N PHE B 189 18.74 37.21 -1.56
CA PHE B 189 18.67 36.60 -0.22
C PHE B 189 19.26 37.52 0.83
N THR B 190 18.73 38.74 0.92
CA THR B 190 19.30 39.80 1.74
C THR B 190 19.61 39.41 3.19
N ASN B 191 18.70 38.66 3.82
CA ASN B 191 18.88 38.32 5.23
C ASN B 191 19.82 37.13 5.48
N SER B 192 19.74 36.14 4.60
CA SER B 192 20.61 34.97 4.77
C SER B 192 22.07 35.36 4.47
N LEU B 193 22.24 36.26 3.52
CA LEU B 193 23.59 36.75 3.20
C LEU B 193 24.20 37.44 4.41
N ARG B 194 23.42 38.28 5.10
CA ARG B 194 23.94 38.98 6.26
C ARG B 194 24.29 38.00 7.38
N MET B 195 23.47 36.96 7.53
CA MET B 195 23.72 35.91 8.51
C MET B 195 25.01 35.13 8.20
N LEU B 196 25.21 34.81 6.92
CA LEU B 196 26.42 34.14 6.49
C LEU B 196 27.64 35.00 6.82
N GLN B 197 27.59 36.27 6.44
CA GLN B 197 28.73 37.13 6.69
C GLN B 197 29.01 37.16 8.19
N GLN B 198 27.96 37.11 9.00
CA GLN B 198 28.10 37.12 10.45
C GLN B 198 28.42 35.75 11.02
N LYS B 199 28.44 34.72 10.16
CA LYS B 199 28.75 33.36 10.58
C LYS B 199 27.66 32.74 11.46
N ARG B 200 26.42 33.18 11.24
CA ARG B 200 25.29 32.59 11.93
C ARG B 200 24.72 31.44 11.08
N TRP B 201 25.44 30.33 11.05
CA TRP B 201 25.20 29.27 10.08
C TRP B 201 23.80 28.64 10.18
N ASP B 202 23.38 28.33 11.41
CA ASP B 202 22.08 27.67 11.62
C ASP B 202 20.89 28.54 11.22
N GLU B 203 20.96 29.82 11.58
CA GLU B 203 19.90 30.76 11.26
C GLU B 203 19.82 30.97 9.75
N ALA B 204 20.98 31.00 9.11
CA ALA B 204 21.04 31.09 7.66
C ALA B 204 20.31 29.90 7.05
N ALA B 205 20.59 28.70 7.57
CA ALA B 205 20.02 27.48 7.02
C ALA B 205 18.49 27.44 7.14
N VAL B 206 17.99 27.79 8.33
CA VAL B 206 16.55 27.89 8.54
C VAL B 206 15.89 28.76 7.49
N ASN B 207 16.41 29.97 7.32
CA ASN B 207 15.94 30.89 6.29
C ASN B 207 15.92 30.28 4.90
N LEU B 208 17.08 29.76 4.47
CA LEU B 208 17.21 29.21 3.14
C LEU B 208 16.31 27.99 2.93
N ALA B 209 16.15 27.21 3.99
CA ALA B 209 15.29 26.02 3.90
C ALA B 209 13.83 26.40 3.64
N LYS B 210 13.48 27.65 3.90
CA LYS B 210 12.10 28.08 3.74
C LYS B 210 11.85 28.90 2.48
N SER B 211 12.80 28.83 1.54
CA SER B 211 12.74 29.60 0.31
C SER B 211 12.07 28.84 -0.82
N ARG B 212 11.65 29.57 -1.85
CA ARG B 212 11.15 28.94 -3.05
C ARG B 212 12.25 28.12 -3.72
N TRP B 213 13.49 28.56 -3.55
CA TRP B 213 14.63 27.83 -4.12
C TRP B 213 14.63 26.38 -3.66
N TYR B 214 14.56 26.19 -2.35
CA TYR B 214 14.47 24.87 -1.75
C TYR B 214 13.32 24.04 -2.37
N ASN B 215 12.11 24.59 -2.34
CA ASN B 215 10.96 23.83 -2.84
C ASN B 215 11.10 23.48 -4.30
N GLN B 216 11.80 24.32 -5.05
CA GLN B 216 12.04 24.05 -6.46
C GLN B 216 13.03 22.87 -6.64
N THR B 217 14.03 22.83 -5.77
CA THR B 217 15.13 21.86 -5.90
C THR B 217 15.61 21.47 -4.51
N PRO B 218 14.82 20.66 -3.78
CA PRO B 218 15.01 20.44 -2.35
C PRO B 218 16.22 19.54 -1.99
N ASN B 219 16.59 18.62 -2.87
CA ASN B 219 17.74 17.76 -2.59
C ASN B 219 19.05 18.56 -2.73
N ARG B 220 19.16 19.24 -3.85
CA ARG B 220 20.32 20.08 -4.10
C ARG B 220 20.42 21.17 -3.06
N ALA B 221 19.31 21.86 -2.82
CA ALA B 221 19.32 22.93 -1.83
C ALA B 221 19.73 22.40 -0.47
N LYS B 222 19.27 21.20 -0.11
CA LYS B 222 19.64 20.64 1.19
C LYS B 222 21.17 20.38 1.31
N ARG B 223 21.77 19.89 0.23
CA ARG B 223 23.23 19.66 0.22
C ARG B 223 24.00 20.97 0.39
N VAL B 224 23.60 21.99 -0.39
CA VAL B 224 24.24 23.28 -0.33
C VAL B 224 24.09 23.91 1.03
N ILE B 225 22.87 23.89 1.55
CA ILE B 225 22.60 24.48 2.85
C ILE B 225 23.36 23.74 3.94
N THR B 226 23.44 22.42 3.84
CA THR B 226 24.20 21.66 4.83
C THR B 226 25.70 22.03 4.78
N THR B 227 26.19 22.33 3.58
CA THR B 227 27.58 22.79 3.41
C THR B 227 27.78 24.12 4.11
N PHE B 228 26.79 25.01 3.98
CA PHE B 228 26.82 26.27 4.69
C PHE B 228 26.82 26.00 6.20
N ARG B 229 26.08 24.98 6.60
CA ARG B 229 25.99 24.64 8.02
C ARG B 229 27.32 24.09 8.58
N THR B 230 27.95 23.18 7.85
CA THR B 230 29.10 22.43 8.39
C THR B 230 30.48 22.94 7.96
N GLY B 231 30.55 23.59 6.81
CA GLY B 231 31.82 24.02 6.26
C GLY B 231 32.65 22.83 5.83
N THR B 232 31.99 21.69 5.60
CA THR B 232 32.64 20.47 5.14
C THR B 232 31.98 19.95 3.87
N TRP B 233 32.59 18.92 3.28
CA TRP B 233 32.04 18.29 2.09
C TRP B 233 31.17 17.07 2.39
N ASP B 234 30.79 16.87 3.65
CA ASP B 234 30.09 15.65 4.03
C ASP B 234 28.81 15.38 3.25
N ALA B 235 28.09 16.43 2.89
CA ALA B 235 26.83 16.26 2.17
C ALA B 235 27.06 15.79 0.73
N TYR B 236 28.28 15.96 0.25
CA TYR B 236 28.64 15.50 -1.10
C TYR B 236 29.39 14.16 -1.06
N LYS B 237 30.08 13.89 0.05
CA LYS B 237 30.76 12.60 0.24
C LYS B 237 29.80 11.46 0.55
N ASN B 238 28.86 11.72 1.46
CA ASN B 238 27.78 10.76 1.79
C ASN B 238 26.45 11.25 1.26
N LEU B 239 25.99 10.65 0.17
CA LEU B 239 24.75 11.06 -0.47
C LEU B 239 23.53 10.28 0.04
N GLY B 240 23.74 9.38 1.00
CA GLY B 240 22.63 8.63 1.57
C GLY B 240 21.77 9.45 2.52
N ARG B 241 20.87 8.77 3.24
CA ARG B 241 19.94 9.47 4.13
C ARG B 241 20.70 10.08 5.31
N GLY B 242 20.37 11.33 5.63
CA GLY B 242 21.12 12.09 6.60
C GLY B 242 21.03 11.59 8.02
N CYS B 243 19.97 10.86 8.36
CA CYS B 243 19.81 10.40 9.73
C CYS B 243 20.39 8.98 9.92
N LEU B 244 21.03 8.45 8.88
CA LEU B 244 21.63 7.10 8.93
C LEU B 244 23.16 7.14 8.84
N ILE B 245 23.81 6.25 9.59
CA ILE B 245 25.25 6.03 9.43
C ILE B 245 25.51 5.45 8.06
N PRO B 246 26.51 5.98 7.35
CA PRO B 246 26.77 5.57 5.96
C PRO B 246 27.22 4.11 5.81
N ASN B 247 26.71 3.45 4.78
CA ASN B 247 27.18 2.13 4.38
C ASN B 247 27.12 1.03 5.44
N GLN B 248 26.08 1.03 6.27
CA GLN B 248 25.90 -0.02 7.24
C GLN B 248 24.51 -0.68 7.10
N GLY B 249 23.99 -0.64 5.88
CA GLY B 249 22.75 -1.31 5.55
C GLY B 249 22.74 -2.78 5.94
N TYR B 250 23.84 -3.48 5.69
CA TYR B 250 23.86 -4.91 5.99
C TYR B 250 23.68 -5.14 7.49
N LEU B 251 24.17 -4.22 8.31
CA LEU B 251 24.00 -4.34 9.77
C LEU B 251 22.57 -4.00 10.20
N SER B 252 21.95 -3.09 9.48
CA SER B 252 20.54 -2.75 9.75
C SER B 252 19.66 -3.99 9.49
N GLU B 253 19.91 -4.67 8.37
CA GLU B 253 19.18 -5.92 8.05
C GLU B 253 19.35 -6.95 9.15
N ALA B 254 20.58 -7.19 9.56
CA ALA B 254 20.85 -8.17 10.63
C ALA B 254 20.28 -7.70 11.96
N GLY B 255 20.34 -6.39 12.19
CA GLY B 255 19.82 -5.82 13.42
C GLY B 255 18.31 -5.96 13.55
N ALA B 256 17.59 -5.83 12.45
CA ALA B 256 16.15 -5.97 12.48
C ALA B 256 15.77 -7.38 12.92
N TYR B 257 16.49 -8.36 12.42
CA TYR B 257 16.19 -9.74 12.82
C TYR B 257 16.52 -9.94 14.32
N LEU B 258 17.64 -9.38 14.76
CA LEU B 258 18.02 -9.47 16.16
C LEU B 258 16.91 -8.92 17.07
N VAL B 259 16.36 -7.75 16.71
CA VAL B 259 15.27 -7.16 17.50
C VAL B 259 14.02 -8.05 17.47
N ASP B 260 13.66 -8.49 16.27
CA ASP B 260 12.55 -9.43 16.11
C ASP B 260 12.68 -10.62 17.06
N ASN B 261 13.84 -11.26 17.01
CA ASN B 261 14.02 -12.51 17.72
C ASN B 261 14.03 -12.32 19.23
N LYS B 262 14.57 -11.19 19.69
CA LYS B 262 14.58 -10.95 21.13
C LYS B 262 13.17 -10.71 21.65
N LEU B 263 12.28 -10.17 20.80
CA LEU B 263 10.89 -9.97 21.21
C LEU B 263 9.95 -11.10 20.76
N HIS B 264 10.53 -12.11 20.11
CA HIS B 264 9.77 -13.23 19.50
C HIS B 264 8.64 -12.73 18.61
N LEU B 265 8.93 -11.76 17.75
CA LEU B 265 7.93 -11.25 16.82
C LEU B 265 7.66 -12.28 15.73
N SER B 266 8.74 -12.90 15.24
CA SER B 266 8.67 -13.92 14.20
C SER B 266 8.07 -13.43 12.87
N ILE B 267 8.42 -12.21 12.46
CA ILE B 267 8.01 -11.73 11.14
C ILE B 267 9.20 -11.42 10.23
N VAL B 268 10.37 -11.14 10.80
CA VAL B 268 11.56 -10.94 9.99
C VAL B 268 12.23 -12.28 9.66
N PRO B 269 12.39 -12.61 8.37
CA PRO B 269 13.07 -13.89 8.07
C PRO B 269 14.48 -13.86 8.64
N LYS B 270 14.97 -15.01 9.12
CA LYS B 270 16.29 -15.03 9.75
C LYS B 270 17.35 -14.33 8.88
N THR B 271 18.08 -13.41 9.48
CA THR B 271 19.01 -12.59 8.74
C THR B 271 20.29 -12.45 9.53
N LYS B 272 21.41 -12.75 8.87
CA LYS B 272 22.74 -12.77 9.48
C LYS B 272 23.76 -12.12 8.58
N VAL B 273 24.85 -11.68 9.20
CA VAL B 273 25.98 -11.15 8.46
C VAL B 273 26.82 -12.34 8.01
N VAL B 274 27.12 -12.41 6.72
CA VAL B 274 27.90 -13.51 6.16
C VAL B 274 28.92 -13.02 5.14
N TRP B 275 29.85 -13.90 4.79
CA TRP B 275 30.84 -13.63 3.77
C TRP B 275 30.62 -14.60 2.60
N LEU B 276 30.59 -14.08 1.38
CA LEU B 276 30.43 -14.93 0.21
C LEU B 276 31.39 -14.51 -0.89
N VAL B 277 31.75 -15.48 -1.73
CA VAL B 277 32.55 -15.25 -2.91
C VAL B 277 31.75 -15.65 -4.14
N SER B 278 31.72 -14.79 -5.15
CA SER B 278 31.03 -15.12 -6.39
C SER B 278 31.44 -14.22 -7.54
N GLU B 279 31.59 -14.83 -8.72
CA GLU B 279 31.96 -14.09 -9.91
C GLU B 279 30.85 -13.13 -10.33
N THR B 280 29.62 -13.41 -9.94
CA THR B 280 28.48 -12.57 -10.30
C THR B 280 28.37 -11.31 -9.45
N PHE B 281 29.15 -11.22 -8.37
CA PHE B 281 29.19 -9.99 -7.59
C PHE B 281 29.92 -8.91 -8.37
N ASN B 282 29.76 -7.66 -7.94
CA ASN B 282 30.35 -6.53 -8.63
C ASN B 282 31.75 -6.23 -8.10
N TYR B 283 32.77 -6.85 -8.70
CA TYR B 283 34.14 -6.59 -8.29
C TYR B 283 34.79 -5.48 -9.12
N LEU B 313 39.19 -14.47 -5.73
CA LEU B 313 38.32 -13.33 -5.46
C LEU B 313 38.14 -13.09 -3.96
N PRO B 314 38.31 -11.84 -3.52
CA PRO B 314 38.12 -11.52 -2.10
C PRO B 314 36.66 -11.72 -1.68
N PRO B 315 36.44 -12.33 -0.51
CA PRO B 315 35.08 -12.50 -0.02
C PRO B 315 34.44 -11.16 0.30
N LYS B 316 33.12 -11.08 0.15
CA LYS B 316 32.36 -9.88 0.45
C LYS B 316 31.46 -10.09 1.66
N ILE B 317 31.48 -9.15 2.59
CA ILE B 317 30.59 -9.21 3.72
C ILE B 317 29.22 -8.61 3.32
N GLY B 318 28.16 -9.11 3.96
CA GLY B 318 26.81 -8.63 3.67
C GLY B 318 25.78 -9.33 4.52
N SER B 319 24.55 -8.85 4.45
CA SER B 319 23.43 -9.51 5.11
C SER B 319 22.93 -10.64 4.23
N PHE B 320 22.57 -11.74 4.87
CA PHE B 320 21.96 -12.88 4.19
C PHE B 320 20.63 -13.13 4.87
N GLN B 321 19.54 -12.93 4.13
CA GLN B 321 18.20 -13.13 4.69
C GLN B 321 17.55 -14.35 4.05
N LEU B 322 17.01 -15.25 4.85
CA LEU B 322 16.34 -16.44 4.29
C LEU B 322 15.20 -16.05 3.36
N PHE B 323 15.11 -16.71 2.22
CA PHE B 323 14.05 -16.49 1.22
C PHE B 323 12.77 -17.16 1.66
N VAL B 324 11.64 -16.45 1.66
CA VAL B 324 10.40 -17.06 2.09
C VAL B 324 9.46 -17.23 0.90
N GLU B 325 8.81 -18.38 0.82
CA GLU B 325 8.06 -18.76 -0.37
C GLU B 325 6.57 -18.51 -0.24
N GLY B 326 5.95 -18.12 -1.36
CA GLY B 326 4.50 -18.02 -1.45
C GLY B 326 3.91 -16.73 -0.94
N TYR B 327 4.76 -15.71 -0.79
CA TYR B 327 4.31 -14.40 -0.30
C TYR B 327 4.04 -13.45 -1.45
N LYS B 328 3.15 -12.48 -1.22
CA LYS B 328 2.93 -11.37 -2.16
C LYS B 328 3.13 -10.05 -1.42
N GLU B 329 3.25 -8.95 -2.15
CA GLU B 329 3.31 -7.64 -1.51
C GLU B 329 2.07 -7.40 -0.66
N ALA B 330 2.24 -6.74 0.49
CA ALA B 330 1.09 -6.38 1.30
C ALA B 330 0.03 -5.66 0.47
N GLU B 331 0.45 -4.72 -0.38
CA GLU B 331 -0.49 -3.94 -1.18
C GLU B 331 -1.38 -4.85 -2.04
N TYR B 332 -0.79 -5.91 -2.59
CA TYR B 332 -1.58 -6.88 -3.36
C TYR B 332 -2.70 -7.49 -2.51
N TRP B 333 -2.35 -8.05 -1.36
CA TRP B 333 -3.38 -8.68 -0.52
C TRP B 333 -4.35 -7.68 0.06
N LEU B 334 -3.87 -6.49 0.45
CA LEU B 334 -4.80 -5.45 0.89
C LEU B 334 -5.87 -5.16 -0.17
N ARG B 335 -5.45 -5.15 -1.43
CA ARG B 335 -6.39 -4.93 -2.54
C ARG B 335 -7.36 -6.11 -2.68
N LYS B 336 -6.81 -7.33 -2.64
CA LYS B 336 -7.65 -8.52 -2.79
C LYS B 336 -8.68 -8.65 -1.66
N PHE B 337 -8.32 -8.22 -0.45
CA PHE B 337 -9.26 -8.30 0.67
C PHE B 337 -10.46 -7.37 0.51
N GLU B 338 -10.38 -6.39 -0.38
CA GLU B 338 -11.54 -5.52 -0.62
C GLU B 338 -12.71 -6.29 -1.22
N ALA B 339 -12.42 -7.22 -2.12
CA ALA B 339 -13.46 -8.00 -2.79
C ALA B 339 -13.79 -9.26 -2.00
N ASP B 340 -12.78 -9.79 -1.30
CA ASP B 340 -12.93 -11.04 -0.56
C ASP B 340 -12.36 -10.89 0.86
N PRO B 341 -13.12 -10.23 1.74
CA PRO B 341 -12.68 -9.94 3.11
C PRO B 341 -12.33 -11.21 3.87
N LEU B 342 -11.43 -11.07 4.82
CA LEU B 342 -11.03 -12.23 5.62
C LEU B 342 -12.17 -12.65 6.54
N PRO B 343 -12.34 -13.96 6.72
CA PRO B 343 -13.19 -14.42 7.83
C PRO B 343 -12.70 -13.82 9.13
N GLU B 344 -13.60 -13.44 10.04
CA GLU B 344 -13.24 -12.73 11.26
C GLU B 344 -12.06 -13.35 12.04
N ASN B 345 -11.97 -14.66 12.12
CA ASN B 345 -10.86 -15.28 12.86
C ASN B 345 -9.51 -15.04 12.18
N ILE B 346 -9.52 -15.02 10.85
CA ILE B 346 -8.30 -14.75 10.07
C ILE B 346 -8.01 -13.25 10.09
N ARG B 347 -9.05 -12.42 10.08
CA ARG B 347 -8.86 -10.97 10.18
C ARG B 347 -8.13 -10.62 11.47
N LYS B 348 -8.51 -11.27 12.57
CA LYS B 348 -7.83 -11.02 13.83
C LYS B 348 -6.39 -11.49 13.79
N GLN B 349 -6.14 -12.62 13.13
CA GLN B 349 -4.76 -13.10 13.01
C GLN B 349 -3.94 -12.12 12.18
N PHE B 350 -4.57 -11.58 11.13
CA PHE B 350 -3.88 -10.60 10.31
C PHE B 350 -3.53 -9.33 11.10
N GLN B 351 -4.50 -8.86 11.89
N GLN B 351 -4.45 -8.83 11.91
CA GLN B 351 -4.31 -7.72 12.79
CA GLN B 351 -4.14 -7.64 12.69
C GLN B 351 -3.10 -7.95 13.71
C GLN B 351 -3.07 -7.91 13.75
N SER B 352 -3.06 -9.12 14.34
CA SER B 352 -1.99 -9.45 15.29
C SER B 352 -0.63 -9.48 14.57
N GLN B 353 -0.57 -10.00 13.35
CA GLN B 353 0.64 -9.91 12.54
C GLN B 353 1.04 -8.46 12.22
N PHE B 354 0.06 -7.66 11.80
CA PHE B 354 0.25 -6.24 11.50
C PHE B 354 0.82 -5.47 12.70
N GLU B 355 0.29 -5.75 13.89
CA GLU B 355 0.78 -5.09 15.11
C GLU B 355 2.23 -5.42 15.38
N ARG B 356 2.65 -6.66 15.10
CA ARG B 356 4.07 -7.01 15.23
C ARG B 356 4.98 -6.23 14.29
N LEU B 357 4.48 -6.00 13.08
CA LEU B 357 5.19 -5.21 12.08
C LEU B 357 5.35 -3.78 12.57
N VAL B 358 4.28 -3.21 13.09
CA VAL B 358 4.28 -1.85 13.63
C VAL B 358 5.30 -1.71 14.77
N ILE B 359 5.27 -2.69 15.68
CA ILE B 359 6.21 -2.72 16.81
C ILE B 359 7.67 -2.79 16.34
N LEU B 360 7.98 -3.74 15.44
CA LEU B 360 9.32 -3.82 14.83
C LEU B 360 9.77 -2.49 14.20
N ASP B 361 8.97 -2.00 13.26
CA ASP B 361 9.32 -0.79 12.51
C ASP B 361 9.48 0.43 13.42
N TYR B 362 8.65 0.55 14.44
CA TYR B 362 8.73 1.72 15.31
C TYR B 362 10.00 1.65 16.18
N ILE B 363 10.27 0.48 16.75
CA ILE B 363 11.46 0.31 17.61
C ILE B 363 12.75 0.56 16.83
N ILE B 364 12.85 0.03 15.61
CA ILE B 364 14.08 0.23 14.84
C ILE B 364 14.05 1.53 14.03
N ARG B 365 12.94 2.27 14.16
CA ARG B 365 12.69 3.50 13.37
C ARG B 365 13.10 3.30 11.92
N ASN B 366 12.45 2.33 11.30
CA ASN B 366 12.62 2.08 9.88
C ASN B 366 12.25 3.32 9.07
N THR B 367 13.14 3.76 8.18
CA THR B 367 12.90 4.93 7.35
C THR B 367 12.39 4.58 5.95
N ASP B 368 12.24 3.29 5.68
CA ASP B 368 12.01 2.81 4.32
C ASP B 368 10.95 1.71 4.26
N ARG B 369 9.88 1.82 5.05
CA ARG B 369 8.81 0.82 4.92
C ARG B 369 7.72 1.35 3.99
N GLY B 370 7.60 0.74 2.82
CA GLY B 370 6.49 0.99 1.90
C GLY B 370 5.45 -0.09 2.07
N ASN B 371 4.38 -0.07 1.28
CA ASN B 371 3.46 -1.20 1.41
C ASN B 371 3.77 -2.26 0.37
N ASP B 372 4.88 -2.07 -0.34
CA ASP B 372 5.38 -3.06 -1.27
C ASP B 372 6.46 -3.91 -0.63
N ASN B 373 7.10 -3.43 0.45
CA ASN B 373 8.19 -4.24 1.00
C ASN B 373 7.98 -4.71 2.43
N TRP B 374 6.72 -4.86 2.84
CA TRP B 374 6.37 -5.98 3.72
C TRP B 374 5.48 -6.89 2.89
N LEU B 375 5.60 -8.18 3.13
CA LEU B 375 4.92 -9.20 2.34
C LEU B 375 3.91 -9.93 3.20
N VAL B 376 2.95 -10.56 2.53
CA VAL B 376 1.89 -11.28 3.20
C VAL B 376 1.70 -12.61 2.49
N ARG B 377 1.52 -13.67 3.27
CA ARG B 377 1.25 -14.98 2.68
C ARG B 377 -0.10 -15.43 3.18
N TYR B 378 -0.98 -15.78 2.24
CA TYR B 378 -2.33 -16.15 2.61
C TYR B 378 -2.81 -17.28 1.70
N GLU B 379 -3.19 -18.41 2.31
CA GLU B 379 -3.77 -19.53 1.57
C GLU B 379 -5.20 -19.80 2.04
N LYS B 380 -6.18 -19.51 1.18
CA LYS B 380 -7.58 -19.79 1.52
C LYS B 380 -7.85 -21.29 1.62
N PHE B 400 -0.72 -18.08 11.72
CA PHE B 400 -0.81 -19.49 11.36
C PHE B 400 -1.47 -19.68 9.99
N LEU B 401 -2.62 -19.03 9.79
CA LEU B 401 -3.31 -19.11 8.50
C LEU B 401 -2.95 -17.95 7.57
N ILE B 402 -2.40 -16.89 8.15
CA ILE B 402 -1.96 -15.74 7.37
C ILE B 402 -0.70 -15.21 8.04
N LYS B 403 0.29 -14.80 7.24
CA LYS B 403 1.57 -14.45 7.80
C LYS B 403 2.18 -13.21 7.14
N ILE B 404 2.81 -12.36 7.94
CA ILE B 404 3.57 -11.22 7.38
C ILE B 404 5.04 -11.57 7.36
N ALA B 405 5.74 -11.19 6.30
CA ALA B 405 7.20 -11.21 6.32
C ALA B 405 7.70 -9.78 6.19
N ALA B 406 8.44 -9.35 7.22
CA ALA B 406 9.06 -8.02 7.21
C ALA B 406 10.46 -8.11 6.62
N ILE B 407 10.56 -7.79 5.33
CA ILE B 407 11.82 -7.92 4.59
C ILE B 407 12.48 -6.56 4.38
N ASP B 408 13.64 -6.52 3.72
CA ASP B 408 14.19 -5.25 3.26
C ASP B 408 14.33 -4.20 4.37
N ASN B 409 15.05 -4.58 5.44
CA ASN B 409 15.14 -3.74 6.62
C ASN B 409 16.48 -3.00 6.70
N GLY B 410 17.03 -2.63 5.54
CA GLY B 410 18.38 -2.06 5.50
C GLY B 410 18.53 -0.57 5.78
N LEU B 411 17.45 0.12 6.09
CA LEU B 411 17.54 1.58 6.26
C LEU B 411 16.88 1.98 7.56
N ALA B 412 17.30 1.33 8.66
CA ALA B 412 16.77 1.59 9.97
C ALA B 412 17.91 1.89 10.96
N PHE B 413 17.57 1.91 12.24
CA PHE B 413 18.52 2.31 13.30
C PHE B 413 19.20 3.65 13.03
N PRO B 414 18.40 4.72 12.79
CA PRO B 414 19.02 6.04 12.61
C PRO B 414 19.74 6.53 13.87
N PHE B 415 20.77 7.37 13.72
CA PHE B 415 21.47 7.87 14.91
C PHE B 415 20.81 9.13 15.46
N LYS B 416 19.86 9.66 14.69
CA LYS B 416 19.03 10.77 15.15
C LYS B 416 17.65 10.65 14.53
N HIS B 417 16.62 11.19 15.18
CA HIS B 417 15.31 11.26 14.54
C HIS B 417 15.43 12.09 13.26
N PRO B 418 14.66 11.75 12.21
CA PRO B 418 14.72 12.55 10.98
C PRO B 418 14.35 14.00 11.24
N ASP B 419 15.11 14.94 10.66
CA ASP B 419 14.93 16.38 10.88
C ASP B 419 13.51 16.89 10.65
N GLU B 420 12.71 16.13 9.89
CA GLU B 420 11.33 16.45 9.48
C GLU B 420 11.31 17.30 8.20
N TRP B 421 12.49 17.67 7.71
CA TRP B 421 12.64 18.14 6.35
C TRP B 421 12.55 16.93 5.41
N ARG B 422 12.82 15.76 6.00
CA ARG B 422 12.60 14.47 5.38
C ARG B 422 11.95 13.57 6.45
N ALA B 423 10.63 13.43 6.40
CA ALA B 423 9.93 12.83 7.54
C ALA B 423 10.00 11.29 7.58
N TYR B 424 10.24 10.65 6.43
CA TYR B 424 10.34 9.18 6.34
C TYR B 424 9.20 8.47 7.07
N PRO B 425 7.96 8.75 6.67
CA PRO B 425 6.79 8.14 7.31
C PRO B 425 6.76 6.62 7.11
N PHE B 426 6.03 5.90 7.96
CA PHE B 426 5.78 4.50 7.69
C PHE B 426 4.56 4.44 6.76
N HIS B 427 4.67 3.82 5.60
CA HIS B 427 3.52 3.82 4.69
C HIS B 427 2.35 2.97 5.17
N TRP B 428 2.56 2.05 6.11
CA TRP B 428 1.42 1.34 6.71
C TRP B 428 0.56 2.25 7.58
N ALA B 429 1.02 3.47 7.89
CA ALA B 429 0.22 4.37 8.73
C ALA B 429 -0.94 5.01 7.97
N TRP B 430 -0.94 4.92 6.65
N TRP B 430 -0.91 4.90 6.64
CA TRP B 430 -2.07 5.48 5.91
CA TRP B 430 -1.98 5.40 5.80
C TRP B 430 -3.12 4.40 5.63
C TRP B 430 -3.17 4.45 5.79
N LEU B 431 -2.93 3.20 6.15
CA LEU B 431 -3.94 2.15 5.96
C LEU B 431 -5.07 2.22 6.98
N PRO B 432 -6.32 1.90 6.56
CA PRO B 432 -7.45 1.84 7.49
C PRO B 432 -7.13 1.03 8.74
N GLN B 433 -6.47 -0.11 8.57
CA GLN B 433 -6.08 -0.98 9.67
C GLN B 433 -5.26 -0.30 10.75
N ALA B 434 -4.49 0.72 10.38
CA ALA B 434 -3.57 1.32 11.34
C ALA B 434 -4.37 2.05 12.43
N LYS B 435 -5.66 2.25 12.21
CA LYS B 435 -6.48 2.92 13.21
C LYS B 435 -7.14 1.97 14.22
N VAL B 436 -6.91 0.66 14.11
CA VAL B 436 -7.43 -0.28 15.10
C VAL B 436 -6.52 -0.27 16.36
N PRO B 437 -7.13 -0.13 17.56
CA PRO B 437 -6.31 -0.12 18.77
C PRO B 437 -5.47 -1.39 18.89
N PHE B 438 -4.24 -1.27 19.40
CA PHE B 438 -3.45 -2.45 19.71
C PHE B 438 -4.30 -3.43 20.54
N SER B 439 -4.25 -4.70 20.16
CA SER B 439 -5.01 -5.74 20.85
C SER B 439 -4.44 -5.99 22.26
N GLU B 440 -5.29 -6.46 23.18
CA GLU B 440 -4.82 -6.77 24.51
C GLU B 440 -3.77 -7.89 24.42
N GLU B 441 -3.93 -8.74 23.42
CA GLU B 441 -3.00 -9.85 23.20
C GLU B 441 -1.56 -9.34 22.99
N ILE B 442 -1.40 -8.39 22.07
CA ILE B 442 -0.06 -7.86 21.79
C ILE B 442 0.47 -7.00 22.94
N ARG B 443 -0.41 -6.24 23.60
CA ARG B 443 -0.01 -5.51 24.81
C ARG B 443 0.58 -6.47 25.85
N ASN B 444 -0.15 -7.54 26.15
CA ASN B 444 0.31 -8.49 27.17
C ASN B 444 1.60 -9.20 26.77
N LEU B 445 1.81 -9.42 25.48
CA LEU B 445 3.01 -10.09 25.03
C LEU B 445 4.25 -9.21 25.05
N ILE B 446 4.09 -7.92 24.74
CA ILE B 446 5.24 -7.06 24.50
C ILE B 446 5.61 -6.16 25.70
N LEU B 447 4.61 -5.62 26.40
CA LEU B 447 4.87 -4.70 27.53
C LEU B 447 5.85 -5.27 28.56
N PRO B 448 5.70 -6.56 28.92
CA PRO B 448 6.63 -7.13 29.91
C PRO B 448 8.09 -7.11 29.45
N TYR B 449 8.32 -7.12 28.14
CA TYR B 449 9.68 -6.98 27.64
C TYR B 449 10.11 -5.51 27.64
N ILE B 450 9.43 -4.67 26.88
CA ILE B 450 9.91 -3.32 26.62
C ILE B 450 9.81 -2.39 27.83
N SER B 451 8.95 -2.73 28.79
CA SER B 451 8.87 -1.90 30.00
C SER B 451 9.95 -2.29 31.00
N ASP B 452 10.66 -3.38 30.73
CA ASP B 452 11.73 -3.87 31.60
C ASP B 452 13.07 -3.28 31.20
N MET B 453 13.61 -2.42 32.07
CA MET B 453 14.81 -1.67 31.74
C MET B 453 16.02 -2.58 31.53
N ASN B 454 16.01 -3.74 32.18
CA ASN B 454 17.08 -4.70 32.01
C ASN B 454 17.03 -5.37 30.64
N PHE B 455 15.82 -5.74 30.23
CA PHE B 455 15.61 -6.26 28.88
C PHE B 455 16.17 -5.28 27.85
N VAL B 456 15.82 -4.01 28.00
CA VAL B 456 16.24 -3.01 27.02
C VAL B 456 17.75 -2.86 27.00
N GLN B 457 18.38 -2.83 28.17
CA GLN B 457 19.84 -2.73 28.20
C GLN B 457 20.49 -3.95 27.54
N ASP B 458 19.92 -5.13 27.78
CA ASP B 458 20.36 -6.37 27.12
C ASP B 458 20.28 -6.25 25.61
N LEU B 459 19.15 -5.74 25.14
CA LEU B 459 18.96 -5.50 23.71
C LEU B 459 20.08 -4.62 23.17
N CYS B 460 20.33 -3.50 23.85
CA CYS B 460 21.38 -2.59 23.41
C CYS B 460 22.75 -3.25 23.35
N GLU B 461 23.02 -4.10 24.33
CA GLU B 461 24.30 -4.79 24.40
C GLU B 461 24.44 -5.78 23.25
N ASP B 462 23.36 -6.50 22.95
CA ASP B 462 23.32 -7.40 21.78
C ASP B 462 23.60 -6.66 20.50
N LEU B 463 22.99 -5.48 20.35
CA LEU B 463 23.15 -4.68 19.15
C LEU B 463 24.56 -4.13 19.10
N TYR B 464 25.10 -3.78 20.27
CA TYR B 464 26.49 -3.37 20.33
C TYR B 464 27.39 -4.45 19.73
N GLU B 465 27.19 -5.70 20.16
CA GLU B 465 28.04 -6.78 19.69
C GLU B 465 27.96 -6.96 18.16
N LEU B 466 26.77 -6.77 17.60
CA LEU B 466 26.57 -6.85 16.16
C LEU B 466 27.19 -5.65 15.43
N PHE B 467 26.88 -4.44 15.90
CA PHE B 467 27.25 -3.24 15.15
C PHE B 467 28.75 -2.91 15.24
N LYS B 468 29.40 -3.33 16.32
CA LYS B 468 30.80 -2.95 16.51
C LYS B 468 31.74 -3.64 15.51
N THR B 469 31.20 -4.59 14.74
CA THR B 469 32.03 -5.35 13.82
C THR B 469 32.39 -4.59 12.55
N ASP B 470 31.69 -3.49 12.28
CA ASP B 470 31.98 -2.71 11.08
C ASP B 470 33.27 -1.91 11.24
N LYS B 471 34.01 -1.78 10.14
CA LYS B 471 35.26 -1.04 10.12
C LYS B 471 35.04 0.40 10.56
N GLY B 472 33.89 0.95 10.21
CA GLY B 472 33.61 2.35 10.50
C GLY B 472 32.81 2.57 11.77
N PHE B 473 32.76 1.55 12.63
CA PHE B 473 32.00 1.67 13.87
C PHE B 473 32.55 2.79 14.74
N ASP B 474 31.65 3.57 15.31
CA ASP B 474 31.97 4.67 16.20
C ASP B 474 31.10 4.60 17.43
N LYS B 475 31.72 4.44 18.60
CA LYS B 475 31.01 4.23 19.84
C LYS B 475 30.04 5.35 20.21
N ALA B 476 30.40 6.59 19.88
CA ALA B 476 29.57 7.73 20.20
C ALA B 476 28.31 7.73 19.34
N THR B 477 28.50 7.41 18.06
CA THR B 477 27.42 7.36 17.10
C THR B 477 26.47 6.21 17.44
N PHE B 478 27.04 5.09 17.88
CA PHE B 478 26.24 3.95 18.31
C PHE B 478 25.40 4.32 19.53
N GLU B 479 25.97 5.06 20.47
CA GLU B 479 25.20 5.45 21.64
C GLU B 479 24.03 6.34 21.24
N SER B 480 24.23 7.14 20.22
CA SER B 480 23.15 7.96 19.69
C SER B 480 22.04 7.09 19.07
N GLN B 481 22.43 6.09 18.27
CA GLN B 481 21.45 5.16 17.73
C GLN B 481 20.63 4.51 18.83
N MET B 482 21.29 4.12 19.92
CA MET B 482 20.58 3.46 21.01
C MET B 482 19.68 4.42 21.76
N SER B 483 20.05 5.70 21.85
CA SER B 483 19.19 6.65 22.54
C SER B 483 17.93 6.97 21.73
N VAL B 484 18.05 6.91 20.41
CA VAL B 484 16.85 7.02 19.56
C VAL B 484 15.93 5.82 19.78
N MET B 485 16.51 4.62 19.72
CA MET B 485 15.73 3.40 19.95
C MET B 485 15.04 3.40 21.31
N ARG B 486 15.73 3.82 22.37
CA ARG B 486 15.08 3.85 23.68
C ARG B 486 13.95 4.87 23.71
N GLY B 487 14.10 5.95 22.94
CA GLY B 487 13.05 6.94 22.84
C GLY B 487 11.84 6.30 22.16
N GLN B 488 12.09 5.50 21.12
CA GLN B 488 10.99 4.80 20.44
C GLN B 488 10.30 3.84 21.38
N ILE B 489 11.11 3.07 22.12
CA ILE B 489 10.56 2.09 23.06
C ILE B 489 9.69 2.77 24.14
N LEU B 490 10.17 3.91 24.65
CA LEU B 490 9.40 4.71 25.62
C LEU B 490 8.00 5.10 25.10
N ASN B 491 7.95 5.69 23.91
CA ASN B 491 6.67 6.04 23.30
C ASN B 491 5.79 4.82 23.08
N LEU B 492 6.40 3.72 22.63
CA LEU B 492 5.64 2.52 22.34
C LEU B 492 5.07 1.93 23.63
N THR B 493 5.85 1.99 24.70
CA THR B 493 5.37 1.52 25.99
C THR B 493 4.10 2.30 26.36
N GLN B 494 4.17 3.62 26.28
CA GLN B 494 3.03 4.42 26.68
C GLN B 494 1.82 4.17 25.77
N ALA B 495 2.07 4.00 24.46
CA ALA B 495 0.97 3.79 23.52
C ALA B 495 0.27 2.48 23.81
N LEU B 496 1.05 1.43 24.08
CA LEU B 496 0.45 0.15 24.43
C LEU B 496 -0.34 0.26 25.72
N ARG B 497 0.25 0.93 26.71
CA ARG B 497 -0.42 1.13 27.99
C ARG B 497 -1.75 1.86 27.79
N ASP B 498 -1.73 2.87 26.94
CA ASP B 498 -2.91 3.70 26.69
C ASP B 498 -3.92 3.04 25.76
N GLY B 499 -3.57 1.88 25.19
CA GLY B 499 -4.47 1.20 24.29
C GLY B 499 -4.68 1.97 22.99
N LYS B 500 -3.66 2.72 22.58
CA LYS B 500 -3.69 3.45 21.31
C LYS B 500 -3.55 2.52 20.10
N SER B 501 -3.78 3.07 18.91
CA SER B 501 -3.60 2.36 17.63
C SER B 501 -2.25 2.71 17.02
N PRO B 502 -1.81 1.94 16.02
CA PRO B 502 -0.57 2.34 15.33
C PRO B 502 -0.68 3.76 14.76
N PHE B 503 -1.85 4.14 14.25
CA PHE B 503 -2.01 5.48 13.70
C PHE B 503 -1.73 6.58 14.74
N GLN B 504 -2.26 6.40 15.94
CA GLN B 504 -2.02 7.31 17.06
C GLN B 504 -0.56 7.23 17.54
N LEU B 505 -0.02 6.01 17.56
CA LEU B 505 1.37 5.80 17.94
C LEU B 505 2.32 6.70 17.16
N VAL B 506 2.15 6.79 15.83
CA VAL B 506 3.13 7.55 15.04
C VAL B 506 2.94 9.06 15.15
N GLN B 507 1.92 9.48 15.90
N GLN B 507 1.91 9.49 15.88
CA GLN B 507 1.66 10.90 16.13
CA GLN B 507 1.70 10.92 16.13
C GLN B 507 2.40 11.40 17.37
C GLN B 507 2.49 11.41 17.34
N ILE B 508 2.91 10.48 18.20
CA ILE B 508 3.57 10.86 19.45
C ILE B 508 4.90 11.55 19.16
N PRO B 509 5.14 12.74 19.77
CA PRO B 509 6.39 13.42 19.43
C PRO B 509 7.62 12.58 19.78
N CYS B 510 8.65 12.68 18.96
CA CYS B 510 9.91 11.95 19.12
C CYS B 510 10.57 12.25 20.46
N VAL B 511 11.11 11.20 21.10
CA VAL B 511 11.83 11.35 22.36
C VAL B 511 13.25 10.76 22.23
N ILE B 512 14.15 11.21 23.09
CA ILE B 512 15.51 10.70 23.18
C ILE B 512 15.70 10.23 24.62
N VAL B 513 16.21 9.01 24.81
CA VAL B 513 16.51 8.55 26.17
C VAL B 513 17.99 8.24 26.24
N GLU B 514 18.78 9.18 26.75
CA GLU B 514 20.21 9.00 26.83
C GLU B 514 20.57 8.08 27.99
#